data_5GXE
#
_entry.id   5GXE
#
_cell.length_a   79.903
_cell.length_b   111.277
_cell.length_c   74.526
_cell.angle_alpha   90.00
_cell.angle_beta   90.00
_cell.angle_gamma   90.00
#
_symmetry.space_group_name_H-M   'P 21 21 2'
#
loop_
_entity.id
_entity.type
_entity.pdbx_description
1 polymer 'Acrylyl-CoA reductase AcuI'
2 non-polymer 'NADP NICOTINAMIDE-ADENINE-DINUCLEOTIDE PHOSPHATE'
3 water water
#
_entity_poly.entity_id   1
_entity_poly.type   'polypeptide(L)'
_entity_poly.pdbx_seq_one_letter_code
;MFNALVVDKDEESGKTQAAVKQLSLTDLPVGEVTVAVEYSTVNYKDGLCIGPGGGLVRKYPHVPGIDFAGTVENSSDERY
KPGDKVVLTGWRVGEAHWGGYSQKANVRADWLVPLPEGLDTRQAMAVGTAGFTAMLAVMALEDHGLTPGHGPVLVTGAAG
GVGSVATAILAHLGYEVAAVTGRPETADYLTSLGATQIVARDEINETVKRPLESEIWAGCVDAVGGAMLARVLGQMKYGA
SVAAVGLAGGAGLPATVIPFLLRGVNLLGIDSVMQPYANRLRAWERIARDLPMDKLEAMIRPATLSDLPGLGADILKGQV
QGRVVVDVNAH
;
_entity_poly.pdbx_strand_id   A,B
#
loop_
_chem_comp.id
_chem_comp.type
_chem_comp.name
_chem_comp.formula
NAP non-polymer 'NADP NICOTINAMIDE-ADENINE-DINUCLEOTIDE PHOSPHATE' 'C21 H28 N7 O17 P3'
#
# COMPACT_ATOMS: atom_id res chain seq x y z
N MET A 1 47.87 -12.40 -0.39
CA MET A 1 46.58 -13.06 -0.31
C MET A 1 45.79 -12.48 0.86
N PHE A 2 44.53 -12.89 1.01
CA PHE A 2 43.64 -12.26 1.97
C PHE A 2 42.55 -13.22 2.40
N ASN A 3 41.93 -12.90 3.52
CA ASN A 3 40.94 -13.78 4.12
C ASN A 3 39.55 -13.44 3.62
N ALA A 4 38.72 -14.47 3.50
CA ALA A 4 37.31 -14.28 3.15
C ALA A 4 36.50 -15.46 3.69
N LEU A 5 35.22 -15.21 3.97
CA LEU A 5 34.33 -16.30 4.30
C LEU A 5 33.84 -16.94 3.01
N VAL A 6 34.07 -18.24 2.87
CA VAL A 6 33.69 -18.98 1.68
C VAL A 6 32.66 -20.04 2.06
N VAL A 7 31.55 -20.07 1.35
CA VAL A 7 30.51 -21.07 1.55
C VAL A 7 30.60 -22.07 0.41
N ASP A 8 30.67 -23.36 0.76
CA ASP A 8 30.65 -24.43 -0.21
C ASP A 8 29.35 -25.21 -0.07
N LYS A 9 28.94 -25.85 -1.18
CA LYS A 9 27.72 -26.65 -1.20
C LYS A 9 28.02 -28.02 -1.78
N ASP A 10 27.52 -29.06 -1.13
CA ASP A 10 27.52 -30.41 -1.71
C ASP A 10 26.22 -30.54 -2.50
N GLU A 11 26.34 -30.54 -3.84
CA GLU A 11 25.13 -30.51 -4.66
C GLU A 11 24.32 -31.81 -4.57
N GLU A 12 24.93 -32.90 -4.11
CA GLU A 12 24.15 -34.11 -3.87
C GLU A 12 23.32 -33.99 -2.60
N SER A 13 23.98 -33.74 -1.47
CA SER A 13 23.26 -33.62 -0.20
C SER A 13 22.58 -32.27 -0.04
N GLY A 14 22.96 -31.27 -0.83
CA GLY A 14 22.43 -29.94 -0.68
C GLY A 14 22.94 -29.16 0.50
N LYS A 15 23.78 -29.76 1.34
CA LYS A 15 24.23 -29.09 2.55
C LYS A 15 25.36 -28.12 2.22
N THR A 16 25.40 -27.02 2.97
CA THR A 16 26.42 -26.00 2.81
C THR A 16 27.29 -25.95 4.06
N GLN A 17 28.52 -25.48 3.87
CA GLN A 17 29.38 -25.16 5.01
C GLN A 17 30.15 -23.89 4.69
N ALA A 18 30.37 -23.09 5.73
CA ALA A 18 31.04 -21.80 5.62
C ALA A 18 32.29 -21.79 6.48
N ALA A 19 33.38 -21.25 5.95
CA ALA A 19 34.62 -21.17 6.71
C ALA A 19 35.49 -20.08 6.10
N VAL A 20 36.40 -19.56 6.91
CA VAL A 20 37.37 -18.59 6.43
C VAL A 20 38.43 -19.31 5.61
N LYS A 21 38.68 -18.80 4.40
CA LYS A 21 39.71 -19.31 3.51
C LYS A 21 40.60 -18.16 3.05
N GLN A 22 41.77 -18.53 2.51
CA GLN A 22 42.70 -17.56 1.98
C GLN A 22 42.58 -17.53 0.46
N LEU A 23 42.35 -16.33 -0.08
CA LEU A 23 42.14 -16.12 -1.50
C LEU A 23 43.19 -15.16 -2.05
N SER A 24 43.35 -15.16 -3.36
CA SER A 24 44.13 -14.15 -4.06
C SER A 24 43.20 -13.26 -4.86
N LEU A 25 43.73 -12.14 -5.33
CA LEU A 25 42.95 -11.21 -6.14
C LEU A 25 42.33 -11.90 -7.35
N THR A 26 43.06 -12.83 -7.97
CA THR A 26 42.53 -13.46 -9.17
C THR A 26 41.49 -14.53 -8.88
N ASP A 27 41.26 -14.86 -7.59
CA ASP A 27 40.11 -15.69 -7.24
C ASP A 27 38.81 -14.89 -7.29
N LEU A 28 38.89 -13.57 -7.18
CA LEU A 28 37.69 -12.75 -7.19
C LEU A 28 37.11 -12.66 -8.61
N PRO A 29 35.80 -12.42 -8.73
CA PRO A 29 35.25 -12.07 -10.03
C PRO A 29 35.89 -10.79 -10.55
N VAL A 30 36.07 -10.73 -11.87
CA VAL A 30 36.58 -9.52 -12.49
C VAL A 30 35.62 -8.36 -12.20
N GLY A 31 36.19 -7.19 -11.93
CA GLY A 31 35.37 -6.03 -11.62
C GLY A 31 36.09 -4.73 -11.89
N GLU A 32 35.29 -3.66 -11.98
CA GLU A 32 35.83 -2.35 -12.32
C GLU A 32 36.58 -1.72 -11.15
N VAL A 33 36.10 -1.92 -9.93
CA VAL A 33 36.68 -1.30 -8.75
C VAL A 33 37.02 -2.39 -7.74
N THR A 34 38.28 -2.43 -7.31
CA THR A 34 38.71 -3.30 -6.24
C THR A 34 38.71 -2.48 -4.95
N VAL A 35 37.95 -2.93 -3.96
CA VAL A 35 37.85 -2.25 -2.69
C VAL A 35 38.57 -3.07 -1.63
N ALA A 36 39.44 -2.41 -0.89
CA ALA A 36 40.01 -3.00 0.33
C ALA A 36 38.94 -2.81 1.40
N VAL A 37 38.20 -3.88 1.68
CA VAL A 37 37.10 -3.80 2.62
C VAL A 37 37.62 -3.54 4.03
N GLU A 38 36.95 -2.64 4.75
CA GLU A 38 37.25 -2.43 6.15
C GLU A 38 36.21 -3.06 7.07
N TYR A 39 34.93 -2.91 6.76
CA TYR A 39 33.87 -3.46 7.59
C TYR A 39 32.78 -4.06 6.73
N SER A 40 32.09 -5.04 7.30
CA SER A 40 30.81 -5.47 6.78
C SER A 40 29.87 -5.58 7.99
N THR A 41 28.77 -6.31 7.82
CA THR A 41 27.74 -6.42 8.84
C THR A 41 26.97 -7.71 8.58
N VAL A 42 25.99 -8.01 9.42
CA VAL A 42 25.15 -9.19 9.28
C VAL A 42 23.71 -8.72 9.18
N ASN A 43 23.12 -8.84 8.01
CA ASN A 43 21.70 -8.62 7.78
C ASN A 43 20.97 -9.95 7.84
N TYR A 44 19.64 -9.89 8.01
CA TYR A 44 18.85 -11.11 7.94
C TYR A 44 19.16 -11.88 6.67
N LYS A 45 19.19 -11.18 5.53
CA LYS A 45 19.47 -11.84 4.27
C LYS A 45 20.84 -12.50 4.26
N ASP A 46 21.82 -11.90 4.94
CA ASP A 46 23.14 -12.52 5.03
C ASP A 46 23.05 -13.86 5.75
N GLY A 47 22.19 -13.95 6.77
CA GLY A 47 21.99 -15.23 7.43
C GLY A 47 21.56 -16.32 6.46
N LEU A 48 20.67 -15.98 5.53
CA LEU A 48 20.29 -16.94 4.50
C LEU A 48 21.48 -17.32 3.64
N CYS A 49 22.25 -16.33 3.19
CA CYS A 49 23.31 -16.60 2.23
C CYS A 49 24.52 -17.25 2.88
N ILE A 50 24.74 -17.02 4.18
CA ILE A 50 25.81 -17.72 4.89
C ILE A 50 25.47 -19.19 5.07
N GLY A 51 24.20 -19.48 5.37
CA GLY A 51 23.76 -20.81 5.70
C GLY A 51 23.07 -21.53 4.56
N PRO A 52 21.75 -21.70 4.68
CA PRO A 52 21.03 -22.58 3.74
C PRO A 52 20.93 -22.04 2.33
N GLY A 53 20.99 -20.72 2.14
CA GLY A 53 20.95 -20.17 0.81
C GLY A 53 19.67 -19.41 0.54
N GLY A 54 18.56 -19.91 1.07
CA GLY A 54 17.27 -19.27 0.86
C GLY A 54 16.89 -19.10 -0.58
N GLY A 55 17.45 -19.90 -1.48
CA GLY A 55 17.22 -19.72 -2.91
C GLY A 55 17.89 -18.51 -3.52
N LEU A 56 18.75 -17.81 -2.77
CA LEU A 56 19.30 -16.55 -3.22
C LEU A 56 20.67 -16.65 -3.86
N VAL A 57 21.35 -17.79 -3.70
CA VAL A 57 22.74 -17.93 -4.12
C VAL A 57 22.77 -18.86 -5.32
N ARG A 58 23.09 -18.31 -6.49
CA ARG A 58 23.10 -19.09 -7.73
C ARG A 58 24.34 -19.97 -7.87
N LYS A 59 25.47 -19.55 -7.31
CA LYS A 59 26.75 -20.16 -7.64
C LYS A 59 27.56 -20.41 -6.37
N TYR A 60 28.04 -21.64 -6.22
CA TYR A 60 28.97 -21.99 -5.16
C TYR A 60 30.30 -22.43 -5.79
N PRO A 61 31.42 -22.14 -5.12
CA PRO A 61 31.52 -21.48 -3.81
C PRO A 61 31.17 -19.99 -3.87
N HIS A 62 30.73 -19.48 -2.72
CA HIS A 62 30.15 -18.15 -2.62
C HIS A 62 30.79 -17.41 -1.46
N VAL A 63 31.22 -16.17 -1.71
CA VAL A 63 31.60 -15.25 -0.64
C VAL A 63 30.39 -14.38 -0.33
N PRO A 64 29.74 -14.53 0.82
CA PRO A 64 28.55 -13.74 1.10
C PRO A 64 28.91 -12.33 1.55
N GLY A 65 27.86 -11.57 1.88
CA GLY A 65 27.99 -10.23 2.42
C GLY A 65 27.35 -9.20 1.49
N ILE A 66 26.10 -8.83 1.75
CA ILE A 66 25.43 -7.87 0.86
C ILE A 66 25.91 -6.43 1.04
N ASP A 67 26.68 -6.15 2.10
CA ASP A 67 27.17 -4.80 2.40
C ASP A 67 28.68 -4.83 2.60
N PHE A 68 29.34 -3.71 2.28
CA PHE A 68 30.68 -3.47 2.80
C PHE A 68 30.97 -1.98 2.76
N ALA A 69 31.97 -1.55 3.51
CA ALA A 69 32.52 -0.20 3.40
C ALA A 69 34.03 -0.31 3.49
N GLY A 70 34.74 0.49 2.71
CA GLY A 70 36.19 0.44 2.75
C GLY A 70 36.83 1.46 1.84
N THR A 71 38.08 1.19 1.46
CA THR A 71 38.87 2.14 0.69
C THR A 71 39.20 1.55 -0.68
N VAL A 72 38.97 2.34 -1.73
CA VAL A 72 39.25 1.86 -3.08
C VAL A 72 40.72 1.56 -3.22
N GLU A 73 41.02 0.37 -3.75
CA GLU A 73 42.40 -0.05 -4.01
C GLU A 73 42.79 0.16 -5.46
N ASN A 74 41.89 -0.11 -6.41
CA ASN A 74 42.15 0.11 -7.82
C ASN A 74 40.83 0.33 -8.53
N SER A 75 40.85 1.11 -9.60
CA SER A 75 39.63 1.39 -10.33
C SER A 75 39.92 1.68 -11.79
N SER A 76 39.11 1.09 -12.67
CA SER A 76 39.11 1.41 -14.10
C SER A 76 37.98 2.35 -14.48
N ASP A 77 37.28 2.91 -13.49
CA ASP A 77 36.19 3.84 -13.72
C ASP A 77 36.56 5.18 -13.09
N GLU A 78 36.34 6.26 -13.84
CA GLU A 78 36.78 7.59 -13.42
C GLU A 78 36.08 8.06 -12.15
N ARG A 79 34.96 7.44 -11.78
CA ARG A 79 34.22 7.89 -10.60
C ARG A 79 34.98 7.62 -9.30
N TYR A 80 35.92 6.68 -9.30
CA TYR A 80 36.59 6.29 -8.07
C TYR A 80 38.08 6.12 -8.34
N LYS A 81 38.88 6.56 -7.39
CA LYS A 81 40.32 6.47 -7.44
C LYS A 81 40.83 5.83 -6.17
N PRO A 82 42.05 5.30 -6.19
CA PRO A 82 42.64 4.74 -4.97
C PRO A 82 42.62 5.75 -3.84
N GLY A 83 42.21 5.29 -2.66
CA GLY A 83 42.09 6.13 -1.49
C GLY A 83 40.68 6.60 -1.20
N ASP A 84 39.78 6.55 -2.18
CA ASP A 84 38.40 6.96 -1.93
C ASP A 84 37.72 6.02 -0.95
N LYS A 85 37.01 6.58 0.04
CA LYS A 85 36.19 5.80 0.95
C LYS A 85 34.82 5.59 0.33
N VAL A 86 34.36 4.33 0.31
CA VAL A 86 33.16 3.97 -0.43
C VAL A 86 32.30 3.01 0.39
N VAL A 87 31.00 2.97 0.04
CA VAL A 87 30.01 2.15 0.71
C VAL A 87 29.27 1.34 -0.36
N LEU A 88 29.07 0.05 -0.09
CA LEU A 88 28.27 -0.83 -0.93
C LEU A 88 27.15 -1.41 -0.09
N THR A 89 25.90 -1.21 -0.52
CA THR A 89 24.80 -2.03 -0.05
C THR A 89 24.05 -2.57 -1.26
N GLY A 90 23.64 -3.83 -1.19
CA GLY A 90 22.68 -4.36 -2.16
C GLY A 90 23.22 -4.62 -3.56
N TRP A 91 22.42 -4.28 -4.57
CA TRP A 91 22.77 -4.51 -5.97
C TRP A 91 23.02 -5.97 -6.29
N ARG A 92 22.50 -6.87 -5.45
CA ARG A 92 22.64 -8.33 -5.53
C ARG A 92 24.05 -8.78 -5.14
N VAL A 93 24.92 -7.87 -4.70
CA VAL A 93 26.18 -8.28 -4.09
C VAL A 93 25.87 -9.13 -2.85
N GLY A 94 26.69 -10.16 -2.61
CA GLY A 94 26.42 -11.09 -1.55
C GLY A 94 25.34 -12.12 -1.85
N GLU A 95 24.71 -12.03 -3.02
CA GLU A 95 23.71 -13.01 -3.44
C GLU A 95 24.13 -13.62 -4.78
N ALA A 96 24.11 -12.83 -5.85
CA ALA A 96 24.50 -13.24 -7.19
C ALA A 96 25.96 -12.94 -7.48
N HIS A 97 26.63 -12.20 -6.59
CA HIS A 97 28.02 -11.82 -6.76
C HIS A 97 28.73 -11.97 -5.43
N TRP A 98 30.02 -12.30 -5.49
CA TRP A 98 30.82 -12.34 -4.26
C TRP A 98 30.78 -10.98 -3.55
N GLY A 99 30.78 -11.02 -2.23
CA GLY A 99 30.36 -9.88 -1.45
C GLY A 99 31.38 -9.43 -0.42
N GLY A 100 30.84 -8.82 0.65
CA GLY A 100 31.64 -8.05 1.59
C GLY A 100 32.36 -8.85 2.66
N TYR A 101 32.14 -10.17 2.76
CA TYR A 101 32.81 -10.98 3.78
C TYR A 101 34.20 -11.38 3.29
N SER A 102 35.01 -10.36 3.08
CA SER A 102 36.30 -10.53 2.45
C SER A 102 37.13 -9.27 2.68
N GLN A 103 38.44 -9.43 2.77
CA GLN A 103 39.28 -8.25 2.86
C GLN A 103 39.28 -7.46 1.55
N LYS A 104 38.92 -8.09 0.44
CA LYS A 104 38.90 -7.42 -0.85
C LYS A 104 37.65 -7.84 -1.61
N ALA A 105 37.04 -6.88 -2.31
CA ALA A 105 35.88 -7.16 -3.13
C ALA A 105 35.95 -6.36 -4.42
N ASN A 106 35.56 -7.00 -5.51
CA ASN A 106 35.46 -6.37 -6.82
C ASN A 106 33.99 -6.11 -7.13
N VAL A 107 33.69 -4.92 -7.64
CA VAL A 107 32.30 -4.51 -7.88
C VAL A 107 32.25 -3.60 -9.10
N ARG A 108 31.05 -3.49 -9.69
CA ARG A 108 30.79 -2.44 -10.67
C ARG A 108 30.81 -1.07 -10.00
N ALA A 109 31.35 -0.07 -10.70
CA ALA A 109 31.36 1.26 -10.11
C ALA A 109 29.95 1.77 -9.88
N ASP A 110 29.00 1.38 -10.73
CA ASP A 110 27.59 1.74 -10.54
C ASP A 110 27.06 1.38 -9.18
N TRP A 111 27.66 0.41 -8.50
CA TRP A 111 27.10 -0.14 -7.28
C TRP A 111 27.53 0.61 -6.03
N LEU A 112 28.55 1.46 -6.13
CA LEU A 112 29.10 2.13 -4.96
C LEU A 112 28.40 3.46 -4.72
N VAL A 113 28.58 3.98 -3.50
CA VAL A 113 28.34 5.39 -3.22
C VAL A 113 29.54 5.89 -2.44
N PRO A 114 29.92 7.16 -2.58
CA PRO A 114 30.96 7.70 -1.71
C PRO A 114 30.50 7.74 -0.26
N LEU A 115 31.43 7.44 0.65
CA LEU A 115 31.17 7.54 2.08
C LEU A 115 30.75 8.95 2.44
N PRO A 116 29.57 9.13 3.06
CA PRO A 116 29.16 10.47 3.49
C PRO A 116 30.14 11.08 4.48
N GLU A 117 30.25 12.40 4.44
CA GLU A 117 31.16 13.12 5.32
C GLU A 117 30.89 12.81 6.80
N GLY A 118 29.62 12.59 7.16
CA GLY A 118 29.23 12.39 8.54
C GLY A 118 29.30 10.97 9.09
N LEU A 119 29.87 10.03 8.33
CA LEU A 119 30.00 8.65 8.74
C LEU A 119 31.42 8.18 8.48
N ASP A 120 31.97 7.34 9.36
CA ASP A 120 33.16 6.61 8.97
C ASP A 120 32.74 5.23 8.44
N THR A 121 33.71 4.45 7.94
CA THR A 121 33.34 3.18 7.32
C THR A 121 32.77 2.20 8.34
N ARG A 122 33.19 2.32 9.60
CA ARG A 122 32.60 1.48 10.65
C ARG A 122 31.14 1.84 10.87
N GLN A 123 30.85 3.13 11.01
CA GLN A 123 29.46 3.56 11.21
C GLN A 123 28.59 3.22 10.00
N ALA A 124 29.15 3.32 8.79
CA ALA A 124 28.36 3.00 7.60
C ALA A 124 27.86 1.55 7.62
N MET A 125 28.67 0.64 8.16
CA MET A 125 28.24 -0.74 8.26
C MET A 125 27.40 -1.02 9.51
N ALA A 126 27.62 -0.27 10.59
CA ALA A 126 26.68 -0.33 11.70
C ALA A 126 25.27 0.00 11.23
N VAL A 127 25.16 0.93 10.29
CA VAL A 127 23.86 1.20 9.66
C VAL A 127 23.47 0.02 8.77
N GLY A 128 24.28 -0.25 7.75
CA GLY A 128 24.09 -1.42 6.91
C GLY A 128 22.84 -1.32 6.04
N THR A 129 22.60 -2.38 5.27
CA THR A 129 21.33 -2.48 4.55
C THR A 129 20.14 -2.31 5.49
N ALA A 130 20.22 -2.87 6.70
CA ALA A 130 19.12 -2.76 7.66
C ALA A 130 18.78 -1.30 7.94
N GLY A 131 19.80 -0.51 8.33
CA GLY A 131 19.56 0.87 8.70
C GLY A 131 19.28 1.75 7.51
N PHE A 132 19.92 1.47 6.38
CA PHE A 132 19.60 2.17 5.15
C PHE A 132 18.14 1.97 4.78
N THR A 133 17.62 0.75 4.96
CA THR A 133 16.24 0.47 4.61
C THR A 133 15.28 1.10 5.61
N ALA A 134 15.66 1.12 6.90
CA ALA A 134 14.89 1.87 7.88
C ALA A 134 14.72 3.33 7.45
N MET A 135 15.79 3.95 6.94
CA MET A 135 15.69 5.33 6.48
C MET A 135 14.76 5.44 5.26
N LEU A 136 14.91 4.53 4.29
CA LEU A 136 13.98 4.53 3.16
C LEU A 136 12.54 4.42 3.62
N ALA A 137 12.29 3.59 4.64
CA ALA A 137 10.92 3.42 5.14
C ALA A 137 10.39 4.71 5.75
N VAL A 138 11.21 5.36 6.58
CA VAL A 138 10.84 6.65 7.17
C VAL A 138 10.55 7.67 6.07
N MET A 139 11.42 7.73 5.06
CA MET A 139 11.22 8.64 3.94
C MET A 139 9.90 8.38 3.23
N ALA A 140 9.55 7.10 3.03
CA ALA A 140 8.28 6.77 2.40
C ALA A 140 7.11 7.24 3.26
N LEU A 141 7.22 7.07 4.58
CA LEU A 141 6.13 7.55 5.44
C LEU A 141 5.99 9.06 5.36
N GLU A 142 7.10 9.79 5.41
CA GLU A 142 7.07 11.24 5.28
C GLU A 142 6.50 11.67 3.94
N ASP A 143 6.84 10.95 2.86
CA ASP A 143 6.31 11.28 1.54
C ASP A 143 4.82 11.06 1.45
N HIS A 144 4.25 10.33 2.41
CA HIS A 144 2.80 10.15 2.48
C HIS A 144 2.20 10.93 3.63
N GLY A 145 2.90 11.96 4.10
CA GLY A 145 2.32 12.94 5.01
C GLY A 145 2.56 12.72 6.49
N LEU A 146 3.36 11.73 6.88
CA LEU A 146 3.69 11.56 8.29
C LEU A 146 4.45 12.78 8.79
N THR A 147 3.98 13.35 9.90
CA THR A 147 4.65 14.43 10.62
C THR A 147 4.47 14.17 12.11
N PRO A 148 5.37 14.71 12.95
CA PRO A 148 5.24 14.47 14.38
C PRO A 148 3.98 15.12 14.94
N GLY A 149 3.52 14.55 16.06
CA GLY A 149 2.39 15.11 16.78
C GLY A 149 1.04 14.54 16.43
N HIS A 150 0.98 13.42 15.72
CA HIS A 150 -0.30 12.88 15.26
C HIS A 150 -0.45 11.41 15.64
N GLY A 151 0.24 10.99 16.69
CA GLY A 151 0.07 9.66 17.22
C GLY A 151 1.35 8.85 17.11
N PRO A 152 1.37 7.71 17.78
CA PRO A 152 2.58 6.88 17.82
C PRO A 152 2.87 6.22 16.48
N VAL A 153 4.17 6.01 16.21
CA VAL A 153 4.61 5.27 15.05
C VAL A 153 5.08 3.90 15.52
N LEU A 154 4.55 2.85 14.91
CA LEU A 154 4.84 1.49 15.32
C LEU A 154 6.09 0.99 14.60
N VAL A 155 7.00 0.35 15.34
CA VAL A 155 8.19 -0.28 14.78
C VAL A 155 8.18 -1.75 15.22
N THR A 156 8.08 -2.66 14.25
CA THR A 156 7.96 -4.07 14.60
C THR A 156 9.34 -4.74 14.56
N GLY A 157 9.49 -5.78 15.37
CA GLY A 157 10.79 -6.47 15.46
C GLY A 157 11.87 -5.52 15.91
N ALA A 158 11.57 -4.73 16.94
CA ALA A 158 12.31 -3.52 17.23
C ALA A 158 13.73 -3.80 17.74
N ALA A 159 13.94 -4.95 18.36
CA ALA A 159 15.25 -5.24 18.94
C ALA A 159 16.27 -5.66 17.90
N GLY A 160 15.83 -5.98 16.68
CA GLY A 160 16.71 -6.34 15.59
C GLY A 160 17.30 -5.13 14.90
N GLY A 161 17.79 -5.36 13.68
CA GLY A 161 18.56 -4.36 12.96
C GLY A 161 17.73 -3.22 12.40
N VAL A 162 16.81 -3.55 11.48
CA VAL A 162 15.88 -2.55 10.95
C VAL A 162 15.17 -1.84 12.09
N GLY A 163 14.68 -2.63 13.04
CA GLY A 163 13.88 -2.08 14.12
C GLY A 163 14.67 -1.13 15.00
N SER A 164 15.92 -1.50 15.33
CA SER A 164 16.72 -0.63 16.18
C SER A 164 16.99 0.70 15.50
N VAL A 165 17.34 0.67 14.22
CA VAL A 165 17.68 1.92 13.53
C VAL A 165 16.42 2.75 13.32
N ALA A 166 15.32 2.11 12.91
CA ALA A 166 14.06 2.84 12.75
C ALA A 166 13.64 3.52 14.06
N THR A 167 13.76 2.81 15.18
CA THR A 167 13.43 3.39 16.48
C THR A 167 14.25 4.65 16.73
N ALA A 168 15.57 4.57 16.50
CA ALA A 168 16.44 5.68 16.82
C ALA A 168 16.18 6.86 15.90
N ILE A 169 15.95 6.60 14.61
CA ILE A 169 15.68 7.68 13.68
C ILE A 169 14.36 8.35 14.03
N LEU A 170 13.30 7.54 14.17
CA LEU A 170 11.99 8.12 14.42
C LEU A 170 11.97 8.91 15.71
N ALA A 171 12.63 8.41 16.75
CA ALA A 171 12.68 9.13 18.02
C ALA A 171 13.43 10.45 17.87
N HIS A 172 14.55 10.43 17.14
CA HIS A 172 15.30 11.67 16.96
C HIS A 172 14.51 12.69 16.15
N LEU A 173 13.67 12.23 15.22
CA LEU A 173 12.84 13.12 14.42
C LEU A 173 11.63 13.64 15.18
N GLY A 174 11.44 13.25 16.43
CA GLY A 174 10.38 13.78 17.26
C GLY A 174 9.13 12.93 17.35
N TYR A 175 9.17 11.69 16.93
CA TYR A 175 8.01 10.81 16.97
C TYR A 175 7.98 10.02 18.27
N GLU A 176 6.77 9.69 18.71
CA GLU A 176 6.60 8.72 19.78
C GLU A 176 6.61 7.32 19.15
N VAL A 177 7.61 6.53 19.49
CA VAL A 177 7.81 5.23 18.86
C VAL A 177 7.27 4.13 19.76
N ALA A 178 6.38 3.31 19.23
CA ALA A 178 5.92 2.10 19.91
C ALA A 178 6.71 0.94 19.33
N ALA A 179 7.51 0.29 20.18
CA ALA A 179 8.46 -0.71 19.75
C ALA A 179 7.94 -2.10 20.09
N VAL A 180 7.66 -2.91 19.06
CA VAL A 180 7.16 -4.27 19.24
C VAL A 180 8.35 -5.23 19.32
N THR A 181 8.44 -5.97 20.43
CA THR A 181 9.52 -6.95 20.55
C THR A 181 9.01 -8.23 21.18
N GLY A 182 9.57 -9.35 20.75
CA GLY A 182 9.37 -10.64 21.37
C GLY A 182 10.41 -10.98 22.40
N ARG A 183 11.33 -10.06 22.68
CA ARG A 183 12.39 -10.24 23.68
C ARG A 183 12.17 -9.17 24.74
N PRO A 184 11.32 -9.45 25.73
CA PRO A 184 10.99 -8.40 26.71
C PRO A 184 12.19 -7.88 27.46
N GLU A 185 13.26 -8.66 27.56
CA GLU A 185 14.44 -8.19 28.25
C GLU A 185 15.15 -7.04 27.54
N THR A 186 14.78 -6.75 26.28
CA THR A 186 15.39 -5.64 25.57
C THR A 186 14.69 -4.30 25.81
N ALA A 187 13.71 -4.24 26.72
CA ALA A 187 12.93 -3.02 26.89
C ALA A 187 13.83 -1.82 27.20
N ASP A 188 14.76 -1.95 28.15
CA ASP A 188 15.60 -0.82 28.52
C ASP A 188 16.47 -0.38 27.36
N TYR A 189 17.02 -1.35 26.61
CA TYR A 189 17.74 -1.04 25.37
C TYR A 189 16.86 -0.22 24.42
N LEU A 190 15.65 -0.70 24.14
CA LEU A 190 14.76 0.03 23.23
C LEU A 190 14.43 1.41 23.76
N THR A 191 14.17 1.53 25.06
CA THR A 191 13.94 2.84 25.65
C THR A 191 15.15 3.75 25.46
N SER A 192 16.36 3.18 25.58
CA SER A 192 17.57 3.98 25.39
C SER A 192 17.71 4.46 23.96
N LEU A 193 17.14 3.74 23.00
CA LEU A 193 17.16 4.19 21.62
C LEU A 193 16.16 5.31 21.36
N GLY A 194 15.19 5.50 22.25
CA GLY A 194 14.18 6.52 22.09
C GLY A 194 12.74 6.02 22.06
N ALA A 195 12.51 4.71 22.16
CA ALA A 195 11.15 4.21 22.17
C ALA A 195 10.39 4.76 23.38
N THR A 196 9.11 5.11 23.16
CA THR A 196 8.27 5.62 24.23
C THR A 196 7.30 4.60 24.77
N GLN A 197 6.95 3.57 23.99
CA GLN A 197 6.13 2.46 24.42
C GLN A 197 6.78 1.16 23.98
N ILE A 198 6.68 0.13 24.81
CA ILE A 198 7.15 -1.21 24.50
C ILE A 198 5.92 -2.11 24.35
N VAL A 199 5.78 -2.73 23.19
CA VAL A 199 4.64 -3.60 22.88
C VAL A 199 5.15 -5.03 22.80
N ALA A 200 4.53 -5.92 23.56
CA ALA A 200 4.87 -7.33 23.51
C ALA A 200 4.40 -7.94 22.20
N ARG A 201 5.26 -8.74 21.58
CA ARG A 201 4.95 -9.38 20.30
C ARG A 201 3.63 -10.15 20.35
N ASP A 202 3.41 -10.92 21.42
CA ASP A 202 2.22 -11.78 21.43
C ASP A 202 0.92 -11.00 21.53
N GLU A 203 0.97 -9.69 21.77
CA GLU A 203 -0.22 -8.85 21.80
C GLU A 203 -0.72 -8.46 20.41
N ILE A 204 0.07 -8.70 19.36
CA ILE A 204 -0.22 -8.10 18.06
C ILE A 204 0.15 -9.03 16.91
N ASN A 205 0.57 -10.25 17.21
CA ASN A 205 1.11 -11.12 16.16
C ASN A 205 0.14 -12.21 15.73
N GLU A 206 -1.13 -12.13 16.15
CA GLU A 206 -2.18 -13.01 15.65
C GLU A 206 -3.23 -12.16 14.95
N THR A 207 -3.87 -12.74 13.93
CA THR A 207 -5.01 -12.05 13.32
C THR A 207 -6.22 -12.15 14.25
N VAL A 208 -7.20 -11.29 13.98
CA VAL A 208 -8.47 -11.33 14.69
C VAL A 208 -9.59 -11.32 13.65
N LYS A 209 -10.81 -11.64 14.11
CA LYS A 209 -11.93 -11.75 13.18
C LYS A 209 -12.41 -10.38 12.73
N ARG A 210 -12.35 -9.39 13.59
CA ARG A 210 -12.78 -8.06 13.21
C ARG A 210 -11.82 -7.47 12.18
N PRO A 211 -12.31 -6.96 11.05
CA PRO A 211 -11.39 -6.38 10.05
C PRO A 211 -10.85 -5.03 10.44
N LEU A 212 -11.49 -4.35 11.39
CA LEU A 212 -11.05 -3.05 11.87
C LEU A 212 -11.03 -3.07 13.39
N GLU A 213 -9.91 -2.69 13.98
CA GLU A 213 -9.83 -2.35 15.38
C GLU A 213 -9.73 -0.83 15.49
N SER A 214 -9.49 -0.33 16.70
CA SER A 214 -9.44 1.12 16.87
C SER A 214 -8.25 1.73 16.14
N GLU A 215 -8.43 2.97 15.68
CA GLU A 215 -7.34 3.68 15.02
C GLU A 215 -6.29 4.08 16.05
N ILE A 216 -5.06 3.59 15.88
CA ILE A 216 -4.02 3.82 16.87
C ILE A 216 -2.74 4.39 16.24
N TRP A 217 -2.23 3.76 15.18
CA TRP A 217 -0.87 4.04 14.68
C TRP A 217 -0.88 5.13 13.60
N ALA A 218 0.00 6.13 13.77
CA ALA A 218 0.15 7.17 12.77
C ALA A 218 0.94 6.70 11.57
N GLY A 219 1.65 5.59 11.72
CA GLY A 219 2.45 5.01 10.67
C GLY A 219 3.16 3.81 11.26
N CYS A 220 3.85 3.06 10.39
CA CYS A 220 4.53 1.86 10.84
C CYS A 220 5.71 1.53 9.92
N VAL A 221 6.85 1.17 10.52
CA VAL A 221 7.96 0.53 9.82
C VAL A 221 7.94 -0.94 10.22
N ASP A 222 7.69 -1.83 9.25
CA ASP A 222 7.40 -3.23 9.54
C ASP A 222 8.53 -4.11 9.06
N ALA A 223 9.24 -4.73 9.99
CA ALA A 223 10.29 -5.69 9.68
C ALA A 223 9.83 -7.15 9.79
N VAL A 224 8.57 -7.36 10.20
CA VAL A 224 8.08 -8.68 10.58
C VAL A 224 7.15 -9.28 9.52
N GLY A 225 6.24 -8.48 8.97
CA GLY A 225 5.28 -9.02 8.02
C GLY A 225 4.33 -10.04 8.65
N GLY A 226 3.88 -10.98 7.83
CA GLY A 226 3.12 -12.10 8.37
C GLY A 226 1.80 -11.68 8.99
N ALA A 227 1.36 -12.50 9.95
CA ALA A 227 0.10 -12.20 10.62
C ALA A 227 0.18 -10.92 11.44
N MET A 228 1.36 -10.57 11.95
CA MET A 228 1.50 -9.29 12.64
C MET A 228 1.15 -8.13 11.72
N LEU A 229 1.71 -8.11 10.51
CA LEU A 229 1.37 -7.05 9.56
C LEU A 229 -0.13 -7.01 9.29
N ALA A 230 -0.74 -8.18 9.08
CA ALA A 230 -2.17 -8.22 8.81
C ALA A 230 -2.96 -7.59 9.95
N ARG A 231 -2.57 -7.87 11.20
CA ARG A 231 -3.24 -7.30 12.37
C ARG A 231 -3.02 -5.79 12.46
N VAL A 232 -1.79 -5.36 12.21
CA VAL A 232 -1.44 -3.94 12.31
C VAL A 232 -2.27 -3.12 11.33
N LEU A 233 -2.53 -3.65 10.14
CA LEU A 233 -3.28 -2.90 9.14
C LEU A 233 -4.64 -2.44 9.70
N GLY A 234 -5.29 -3.29 10.48
CA GLY A 234 -6.58 -2.93 11.07
C GLY A 234 -6.50 -1.98 12.24
N GLN A 235 -5.30 -1.60 12.67
CA GLN A 235 -5.07 -0.65 13.75
C GLN A 235 -4.50 0.68 13.26
N MET A 236 -4.25 0.83 11.96
CA MET A 236 -3.73 2.09 11.45
C MET A 236 -4.78 3.21 11.49
N LYS A 237 -4.33 4.43 11.78
CA LYS A 237 -5.20 5.58 11.69
C LYS A 237 -5.60 5.84 10.24
N TYR A 238 -6.69 6.58 10.08
CA TYR A 238 -7.15 6.98 8.75
C TYR A 238 -6.04 7.67 7.98
N GLY A 239 -5.80 7.20 6.75
CA GLY A 239 -4.82 7.80 5.88
C GLY A 239 -3.38 7.45 6.19
N ALA A 240 -3.14 6.63 7.21
CA ALA A 240 -1.79 6.26 7.62
C ALA A 240 -1.24 5.14 6.74
N SER A 241 0.08 5.01 6.74
CA SER A 241 0.78 4.06 5.88
C SER A 241 1.67 3.13 6.70
N VAL A 242 1.79 1.90 6.22
CA VAL A 242 2.79 0.94 6.68
C VAL A 242 3.88 0.84 5.62
N ALA A 243 5.12 1.04 6.02
CA ALA A 243 6.26 0.77 5.15
C ALA A 243 6.65 -0.70 5.35
N ALA A 244 6.38 -1.52 4.34
CA ALA A 244 6.69 -2.95 4.40
C ALA A 244 8.16 -3.18 4.09
N VAL A 245 8.91 -3.67 5.08
CA VAL A 245 10.34 -3.89 4.94
C VAL A 245 10.68 -5.38 5.00
N GLY A 246 10.06 -6.14 5.90
CA GLY A 246 10.55 -7.47 6.20
C GLY A 246 9.48 -8.54 6.30
N LEU A 247 9.96 -9.77 6.52
CA LEU A 247 9.13 -10.97 6.60
C LEU A 247 9.64 -11.91 7.69
N ALA A 248 10.31 -11.35 8.70
CA ALA A 248 10.88 -12.18 9.76
C ALA A 248 9.80 -13.01 10.47
N GLY A 249 8.56 -12.53 10.49
CA GLY A 249 7.43 -13.25 11.05
C GLY A 249 6.63 -14.05 10.04
N GLY A 250 7.09 -14.14 8.80
CA GLY A 250 6.40 -14.91 7.78
C GLY A 250 6.16 -14.06 6.55
N ALA A 251 6.21 -14.70 5.39
CA ALA A 251 5.96 -14.00 4.13
C ALA A 251 4.49 -13.90 3.78
N GLY A 252 3.65 -14.78 4.33
CA GLY A 252 2.23 -14.69 4.07
C GLY A 252 1.64 -13.43 4.66
N LEU A 253 0.56 -12.94 4.05
CA LEU A 253 -0.11 -11.73 4.51
C LEU A 253 -1.60 -12.04 4.59
N PRO A 254 -2.06 -12.57 5.71
CA PRO A 254 -3.47 -12.97 5.88
C PRO A 254 -4.34 -11.78 6.25
N ALA A 255 -4.47 -10.86 5.30
CA ALA A 255 -5.10 -9.57 5.53
C ALA A 255 -6.53 -9.56 5.03
N THR A 256 -7.20 -8.43 5.24
CA THR A 256 -8.44 -8.08 4.55
C THR A 256 -8.23 -6.73 3.87
N VAL A 257 -9.06 -6.43 2.86
CA VAL A 257 -8.96 -5.14 2.19
C VAL A 257 -9.63 -4.02 2.98
N ILE A 258 -10.36 -4.34 4.05
CA ILE A 258 -11.20 -3.34 4.73
C ILE A 258 -10.42 -2.13 5.21
N PRO A 259 -9.25 -2.25 5.86
CA PRO A 259 -8.54 -1.03 6.27
C PRO A 259 -8.18 -0.13 5.10
N PHE A 260 -7.85 -0.72 3.95
CA PHE A 260 -7.56 0.07 2.77
C PHE A 260 -8.78 0.83 2.31
N LEU A 261 -9.92 0.13 2.23
CA LEU A 261 -11.11 0.72 1.61
C LEU A 261 -11.77 1.73 2.53
N LEU A 262 -11.86 1.41 3.82
CA LEU A 262 -12.62 2.25 4.75
C LEU A 262 -11.77 3.32 5.40
N ARG A 263 -10.44 3.14 5.46
CA ARG A 263 -9.59 4.10 6.14
C ARG A 263 -8.52 4.70 5.26
N GLY A 264 -8.48 4.39 3.97
CA GLY A 264 -7.45 4.92 3.12
C GLY A 264 -6.04 4.56 3.57
N VAL A 265 -5.88 3.40 4.21
CA VAL A 265 -4.55 2.95 4.63
C VAL A 265 -3.73 2.54 3.40
N ASN A 266 -2.42 2.72 3.48
CA ASN A 266 -1.49 2.32 2.43
C ASN A 266 -0.50 1.29 2.95
N LEU A 267 -0.18 0.32 2.10
CA LEU A 267 0.94 -0.59 2.34
C LEU A 267 1.99 -0.30 1.27
N LEU A 268 3.15 0.19 1.71
CA LEU A 268 4.17 0.73 0.81
C LEU A 268 5.35 -0.22 0.81
N GLY A 269 5.64 -0.84 -0.33
CA GLY A 269 6.74 -1.79 -0.39
C GLY A 269 8.07 -1.08 -0.48
N ILE A 270 9.00 -1.46 0.39
CA ILE A 270 10.34 -0.87 0.43
C ILE A 270 11.32 -1.89 -0.12
N ASP A 271 12.04 -1.51 -1.18
CA ASP A 271 13.11 -2.34 -1.74
C ASP A 271 14.42 -1.58 -1.67
N SER A 272 15.35 -2.05 -0.84
CA SER A 272 16.65 -1.41 -0.77
C SER A 272 17.57 -1.84 -1.90
N VAL A 273 17.32 -3.00 -2.50
CA VAL A 273 18.39 -3.68 -3.24
C VAL A 273 18.76 -2.91 -4.50
N MET A 274 17.77 -2.37 -5.21
CA MET A 274 18.03 -1.78 -6.52
C MET A 274 17.74 -0.28 -6.54
N GLN A 275 17.87 0.39 -5.39
CA GLN A 275 17.65 1.82 -5.33
C GLN A 275 18.61 2.56 -6.27
N PRO A 276 18.13 3.57 -6.99
CA PRO A 276 19.02 4.32 -7.88
C PRO A 276 20.04 5.12 -7.09
N TYR A 277 21.18 5.37 -7.74
CA TYR A 277 22.30 6.07 -7.11
C TYR A 277 21.84 7.36 -6.44
N ALA A 278 21.06 8.17 -7.15
CA ALA A 278 20.67 9.47 -6.61
C ALA A 278 19.89 9.32 -5.31
N ASN A 279 18.97 8.36 -5.24
CA ASN A 279 18.21 8.21 -4.01
C ASN A 279 19.06 7.64 -2.90
N ARG A 280 20.05 6.80 -3.24
CA ARG A 280 20.96 6.29 -2.22
C ARG A 280 21.70 7.44 -1.53
N LEU A 281 22.22 8.37 -2.32
CA LEU A 281 22.92 9.52 -1.74
C LEU A 281 22.03 10.28 -0.77
N ARG A 282 20.77 10.53 -1.15
CA ARG A 282 19.86 11.29 -0.29
C ARG A 282 19.55 10.54 1.00
N ALA A 283 19.33 9.23 0.89
CA ALA A 283 19.06 8.44 2.09
C ALA A 283 20.27 8.43 3.02
N TRP A 284 21.47 8.28 2.46
CA TRP A 284 22.66 8.26 3.31
C TRP A 284 22.88 9.61 3.98
N GLU A 285 22.59 10.72 3.28
CA GLU A 285 22.76 12.01 3.94
C GLU A 285 21.69 12.23 5.00
N ARG A 286 20.48 11.72 4.79
CA ARG A 286 19.50 11.71 5.86
C ARG A 286 20.00 10.93 7.06
N ILE A 287 20.60 9.76 6.82
CA ILE A 287 21.13 8.95 7.92
C ILE A 287 22.16 9.74 8.72
N ALA A 288 23.02 10.49 8.03
CA ALA A 288 24.11 11.18 8.70
C ALA A 288 23.58 12.24 9.66
N ARG A 289 22.44 12.84 9.34
CA ARG A 289 21.89 13.91 10.17
C ARG A 289 20.79 13.45 11.11
N ASP A 290 20.06 12.38 10.78
CA ASP A 290 18.90 11.98 11.56
C ASP A 290 19.12 10.77 12.46
N LEU A 291 20.24 10.06 12.31
CA LEU A 291 20.54 8.94 13.20
C LEU A 291 21.65 9.37 14.15
N PRO A 292 21.38 9.61 15.43
CA PRO A 292 22.45 10.04 16.33
C PRO A 292 23.53 8.96 16.43
N MET A 293 24.78 9.36 16.30
CA MET A 293 25.85 8.37 16.28
C MET A 293 26.03 7.70 17.63
N ASP A 294 25.65 8.34 18.73
CA ASP A 294 25.75 7.65 20.02
C ASP A 294 24.66 6.61 20.18
N LYS A 295 23.48 6.85 19.58
CA LYS A 295 22.44 5.83 19.52
C LYS A 295 22.90 4.64 18.67
N LEU A 296 23.42 4.91 17.47
CA LEU A 296 23.97 3.83 16.64
C LEU A 296 25.01 3.03 17.39
N GLU A 297 25.90 3.71 18.10
CA GLU A 297 26.95 3.02 18.86
C GLU A 297 26.36 2.03 19.85
N ALA A 298 25.25 2.38 20.50
CA ALA A 298 24.61 1.47 21.44
C ALA A 298 24.04 0.22 20.76
N MET A 299 23.92 0.21 19.42
CA MET A 299 23.41 -0.95 18.70
C MET A 299 24.50 -1.94 18.31
N ILE A 300 25.76 -1.53 18.35
CA ILE A 300 26.81 -2.26 17.64
C ILE A 300 27.20 -3.50 18.42
N ARG A 301 27.34 -4.61 17.70
CA ARG A 301 27.89 -5.86 18.24
C ARG A 301 29.11 -6.22 17.40
N PRO A 302 30.32 -6.16 17.95
CA PRO A 302 31.51 -6.41 17.12
C PRO A 302 31.62 -7.87 16.74
N ALA A 303 32.19 -8.11 15.57
CA ALA A 303 32.38 -9.46 15.04
C ALA A 303 33.57 -9.50 14.11
N THR A 304 34.06 -10.73 13.87
CA THR A 304 35.09 -11.03 12.89
C THR A 304 34.53 -12.02 11.88
N LEU A 305 35.28 -12.25 10.80
CA LEU A 305 34.85 -13.20 9.76
C LEU A 305 34.51 -14.56 10.35
N SER A 306 35.35 -15.04 11.29
CA SER A 306 35.13 -16.36 11.88
C SER A 306 33.82 -16.45 12.66
N ASP A 307 33.28 -15.33 13.12
CA ASP A 307 32.01 -15.32 13.83
C ASP A 307 30.81 -15.48 12.91
N LEU A 308 30.98 -15.36 11.61
CA LEU A 308 29.84 -15.23 10.71
C LEU A 308 28.96 -16.47 10.64
N PRO A 309 29.49 -17.69 10.60
CA PRO A 309 28.58 -18.85 10.58
C PRO A 309 27.62 -18.87 11.75
N GLY A 310 28.09 -18.59 12.96
CA GLY A 310 27.21 -18.59 14.11
C GLY A 310 26.22 -17.43 14.09
N LEU A 311 26.68 -16.25 13.67
CA LEU A 311 25.79 -15.08 13.65
C LEU A 311 24.73 -15.20 12.57
N GLY A 312 25.07 -15.81 11.44
CA GLY A 312 24.06 -16.06 10.42
C GLY A 312 22.98 -16.98 10.91
N ALA A 313 23.36 -18.06 11.61
CA ALA A 313 22.36 -18.94 12.21
C ALA A 313 21.53 -18.21 13.26
N ASP A 314 22.19 -17.36 14.05
CA ASP A 314 21.48 -16.67 15.13
C ASP A 314 20.46 -15.68 14.60
N ILE A 315 20.81 -14.92 13.55
CA ILE A 315 19.90 -13.87 13.12
C ILE A 315 18.64 -14.49 12.51
N LEU A 316 18.76 -15.65 11.87
CA LEU A 316 17.58 -16.32 11.34
C LEU A 316 16.66 -16.82 12.44
N LYS A 317 17.16 -16.93 13.68
CA LYS A 317 16.34 -17.32 14.82
C LYS A 317 15.87 -16.12 15.62
N GLY A 318 16.12 -14.90 15.13
CA GLY A 318 15.75 -13.71 15.86
C GLY A 318 16.57 -13.44 17.09
N GLN A 319 17.80 -13.94 17.15
CA GLN A 319 18.62 -13.86 18.36
C GLN A 319 19.75 -12.84 18.25
N VAL A 320 19.74 -11.96 17.26
CA VAL A 320 20.72 -10.89 17.18
C VAL A 320 20.02 -9.60 17.56
N GLN A 321 20.56 -8.91 18.57
CA GLN A 321 20.08 -7.60 18.99
C GLN A 321 20.93 -6.51 18.35
N GLY A 322 20.28 -5.52 17.77
CA GLY A 322 21.01 -4.38 17.22
C GLY A 322 21.66 -4.71 15.88
N ARG A 323 22.92 -4.28 15.72
CA ARG A 323 23.56 -4.25 14.39
C ARG A 323 24.98 -4.75 14.52
N VAL A 324 25.28 -5.89 13.90
CA VAL A 324 26.62 -6.45 13.91
C VAL A 324 27.54 -5.62 13.03
N VAL A 325 28.75 -5.35 13.52
CA VAL A 325 29.78 -4.70 12.71
C VAL A 325 30.92 -5.70 12.58
N VAL A 326 31.19 -6.15 11.35
CA VAL A 326 32.21 -7.16 11.10
C VAL A 326 33.50 -6.44 10.71
N ASP A 327 34.56 -6.62 11.51
CA ASP A 327 35.88 -6.10 11.16
C ASP A 327 36.60 -7.18 10.37
N VAL A 328 36.63 -7.03 9.04
CA VAL A 328 37.19 -8.10 8.21
C VAL A 328 38.70 -8.14 8.26
N ASN A 329 39.33 -7.17 8.94
CA ASN A 329 40.79 -7.10 9.05
C ASN A 329 41.28 -7.30 10.48
N ALA A 330 40.40 -7.66 11.41
CA ALA A 330 40.76 -7.80 12.81
C ALA A 330 41.97 -8.71 12.98
N HIS A 331 42.77 -8.43 14.01
CA HIS A 331 43.97 -9.22 14.31
C HIS A 331 43.82 -10.21 15.48
N MET B 1 -46.53 16.50 0.19
CA MET B 1 -45.83 15.22 0.41
C MET B 1 -45.03 14.79 -0.83
N PHE B 2 -44.18 13.78 -0.67
CA PHE B 2 -43.29 13.36 -1.75
C PHE B 2 -42.97 11.89 -1.59
N ASN B 3 -42.32 11.33 -2.61
CA ASN B 3 -42.05 9.91 -2.65
C ASN B 3 -40.61 9.60 -2.25
N ALA B 4 -40.43 8.43 -1.65
CA ALA B 4 -39.11 7.96 -1.22
C ALA B 4 -39.12 6.44 -1.10
N LEU B 5 -37.96 5.83 -1.33
CA LEU B 5 -37.80 4.42 -1.05
C LEU B 5 -37.52 4.23 0.44
N VAL B 6 -38.40 3.54 1.14
CA VAL B 6 -38.25 3.30 2.58
C VAL B 6 -38.07 1.81 2.80
N VAL B 7 -37.04 1.45 3.54
CA VAL B 7 -36.79 0.06 3.94
C VAL B 7 -37.24 -0.09 5.38
N ASP B 8 -38.17 -1.02 5.61
CA ASP B 8 -38.58 -1.39 6.96
C ASP B 8 -37.95 -2.72 7.34
N LYS B 9 -37.82 -2.94 8.64
CA LYS B 9 -37.25 -4.17 9.18
C LYS B 9 -38.14 -4.70 10.29
N ASP B 10 -38.55 -5.97 10.15
CA ASP B 10 -39.29 -6.68 11.18
C ASP B 10 -38.27 -7.38 12.08
N GLU B 11 -38.13 -6.93 13.32
CA GLU B 11 -37.09 -7.51 14.18
C GLU B 11 -37.41 -8.95 14.55
N GLU B 12 -38.69 -9.32 14.63
CA GLU B 12 -39.04 -10.71 14.89
C GLU B 12 -38.53 -11.63 13.79
N SER B 13 -38.86 -11.33 12.53
CA SER B 13 -38.44 -12.17 11.42
C SER B 13 -37.12 -11.74 10.79
N GLY B 14 -36.54 -10.62 11.22
CA GLY B 14 -35.35 -10.07 10.59
C GLY B 14 -35.57 -9.51 9.21
N LYS B 15 -36.74 -9.75 8.61
CA LYS B 15 -37.00 -9.40 7.22
C LYS B 15 -36.93 -7.90 6.99
N THR B 16 -36.14 -7.50 5.98
CA THR B 16 -36.22 -6.15 5.46
C THR B 16 -37.09 -6.15 4.21
N GLN B 17 -37.83 -5.06 4.03
CA GLN B 17 -38.66 -4.86 2.86
C GLN B 17 -38.55 -3.41 2.44
N ALA B 18 -38.25 -3.19 1.16
CA ALA B 18 -38.16 -1.86 0.58
C ALA B 18 -39.37 -1.61 -0.30
N ALA B 19 -39.91 -0.40 -0.20
CA ALA B 19 -41.07 -0.02 -1.00
C ALA B 19 -41.12 1.50 -1.10
N VAL B 20 -41.68 1.98 -2.20
CA VAL B 20 -41.90 3.41 -2.35
C VAL B 20 -43.03 3.83 -1.40
N LYS B 21 -42.78 4.88 -0.62
CA LYS B 21 -43.79 5.41 0.29
C LYS B 21 -43.90 6.92 0.15
N GLN B 22 -45.02 7.45 0.62
CA GLN B 22 -45.25 8.89 0.62
C GLN B 22 -44.88 9.47 1.98
N LEU B 23 -43.97 10.43 1.98
CA LEU B 23 -43.47 11.08 3.19
C LEU B 23 -43.80 12.56 3.17
N SER B 24 -43.68 13.18 4.33
CA SER B 24 -43.75 14.63 4.46
C SER B 24 -42.40 15.18 4.90
N LEU B 25 -42.24 16.50 4.74
CA LEU B 25 -40.98 17.15 5.10
C LEU B 25 -40.62 16.92 6.56
N THR B 26 -41.62 16.82 7.44
CA THR B 26 -41.34 16.59 8.85
C THR B 26 -40.92 15.16 9.16
N ASP B 27 -40.99 14.24 8.19
CA ASP B 27 -40.50 12.88 8.37
C ASP B 27 -38.99 12.78 8.18
N LEU B 28 -38.40 13.74 7.49
CA LEU B 28 -36.96 13.73 7.29
C LEU B 28 -36.24 14.09 8.59
N PRO B 29 -35.02 13.61 8.78
CA PRO B 29 -34.20 14.16 9.87
C PRO B 29 -34.02 15.65 9.69
N VAL B 30 -33.95 16.37 10.80
CA VAL B 30 -33.66 17.80 10.74
C VAL B 30 -32.29 18.00 10.10
N GLY B 31 -32.15 19.04 9.29
CA GLY B 31 -30.90 19.32 8.63
C GLY B 31 -30.76 20.76 8.20
N GLU B 32 -29.51 21.16 7.95
CA GLU B 32 -29.22 22.54 7.58
C GLU B 32 -29.71 22.86 6.17
N VAL B 33 -29.59 21.91 5.24
CA VAL B 33 -29.93 22.14 3.84
C VAL B 33 -30.98 21.12 3.41
N THR B 34 -32.07 21.61 2.83
CA THR B 34 -33.07 20.75 2.21
C THR B 34 -32.88 20.82 0.70
N VAL B 35 -32.65 19.66 0.08
CA VAL B 35 -32.41 19.58 -1.36
C VAL B 35 -33.61 18.92 -2.01
N ALA B 36 -34.09 19.53 -3.09
CA ALA B 36 -35.05 18.87 -3.97
C ALA B 36 -34.25 17.96 -4.89
N VAL B 37 -34.24 16.67 -4.58
CA VAL B 37 -33.37 15.75 -5.30
C VAL B 37 -33.86 15.57 -6.72
N GLU B 38 -32.94 15.67 -7.68
CA GLU B 38 -33.29 15.38 -9.07
C GLU B 38 -32.89 13.98 -9.49
N TYR B 39 -31.71 13.52 -9.08
CA TYR B 39 -31.24 12.20 -9.48
C TYR B 39 -30.47 11.55 -8.35
N SER B 40 -30.47 10.22 -8.36
CA SER B 40 -29.56 9.42 -7.56
C SER B 40 -28.99 8.33 -8.48
N THR B 41 -28.45 7.28 -7.89
CA THR B 41 -27.81 6.22 -8.66
C THR B 41 -27.82 4.97 -7.78
N VAL B 42 -27.30 3.88 -8.33
CA VAL B 42 -27.19 2.62 -7.59
C VAL B 42 -25.71 2.24 -7.55
N ASN B 43 -25.12 2.33 -6.35
CA ASN B 43 -23.79 1.82 -6.08
C ASN B 43 -23.88 0.44 -5.45
N TYR B 44 -22.77 -0.32 -5.50
CA TYR B 44 -22.74 -1.60 -4.81
C TYR B 44 -23.23 -1.46 -3.37
N LYS B 45 -22.71 -0.47 -2.64
CA LYS B 45 -23.12 -0.27 -1.26
C LYS B 45 -24.60 0.02 -1.12
N ASP B 46 -25.22 0.66 -2.11
CA ASP B 46 -26.66 0.89 -2.06
C ASP B 46 -27.42 -0.44 -2.08
N GLY B 47 -26.92 -1.41 -2.84
CA GLY B 47 -27.56 -2.72 -2.83
C GLY B 47 -27.59 -3.33 -1.46
N LEU B 48 -26.48 -3.23 -0.72
CA LEU B 48 -26.46 -3.66 0.67
C LEU B 48 -27.53 -2.93 1.49
N CYS B 49 -27.58 -1.60 1.37
CA CYS B 49 -28.47 -0.81 2.22
C CYS B 49 -29.93 -0.94 1.82
N ILE B 50 -30.21 -1.19 0.54
CA ILE B 50 -31.59 -1.41 0.09
C ILE B 50 -32.12 -2.73 0.62
N GLY B 51 -31.28 -3.76 0.60
CA GLY B 51 -31.69 -5.10 0.92
C GLY B 51 -31.32 -5.53 2.33
N PRO B 52 -30.32 -6.40 2.45
CA PRO B 52 -30.04 -7.01 3.75
C PRO B 52 -29.50 -6.05 4.79
N GLY B 53 -28.82 -4.99 4.38
CA GLY B 53 -28.29 -4.03 5.34
C GLY B 53 -26.78 -4.05 5.38
N GLY B 54 -26.20 -5.24 5.26
CA GLY B 54 -24.75 -5.38 5.32
C GLY B 54 -24.12 -4.86 6.58
N GLY B 55 -24.90 -4.72 7.67
CA GLY B 55 -24.40 -4.11 8.89
C GLY B 55 -24.17 -2.62 8.81
N LEU B 56 -24.56 -1.99 7.70
CA LEU B 56 -24.28 -0.57 7.48
C LEU B 56 -25.41 0.32 7.94
N VAL B 57 -26.60 -0.22 8.16
CA VAL B 57 -27.79 0.57 8.48
C VAL B 57 -28.12 0.30 9.95
N ARG B 58 -28.03 1.36 10.77
CA ARG B 58 -28.21 1.25 12.21
C ARG B 58 -29.65 1.49 12.64
N LYS B 59 -30.44 2.19 11.84
CA LYS B 59 -31.78 2.61 12.24
C LYS B 59 -32.76 2.37 11.12
N TYR B 60 -33.84 1.67 11.43
CA TYR B 60 -34.96 1.50 10.51
C TYR B 60 -36.19 2.18 11.11
N PRO B 61 -37.10 2.69 10.26
CA PRO B 61 -37.11 2.70 8.79
C PRO B 61 -35.98 3.54 8.19
N HIS B 62 -35.50 3.14 7.01
CA HIS B 62 -34.33 3.75 6.40
C HIS B 62 -34.63 4.16 4.98
N VAL B 63 -34.24 5.38 4.62
CA VAL B 63 -34.25 5.83 3.23
C VAL B 63 -32.81 5.70 2.71
N PRO B 64 -32.53 4.75 1.81
CA PRO B 64 -31.15 4.55 1.35
C PRO B 64 -30.74 5.57 0.31
N GLY B 65 -29.53 5.38 -0.26
CA GLY B 65 -29.06 6.24 -1.32
C GLY B 65 -27.86 7.07 -0.89
N ILE B 66 -26.65 6.57 -1.14
CA ILE B 66 -25.46 7.29 -0.70
C ILE B 66 -25.16 8.52 -1.53
N ASP B 67 -25.81 8.68 -2.69
CA ASP B 67 -25.58 9.79 -3.59
C ASP B 67 -26.89 10.49 -3.92
N PHE B 68 -26.81 11.80 -4.17
CA PHE B 68 -27.86 12.49 -4.91
C PHE B 68 -27.31 13.75 -5.55
N ALA B 69 -28.07 14.29 -6.50
CA ALA B 69 -27.83 15.62 -7.04
C ALA B 69 -29.17 16.31 -7.20
N GLY B 70 -29.19 17.62 -6.99
CA GLY B 70 -30.45 18.33 -7.03
C GLY B 70 -30.30 19.81 -6.85
N THR B 71 -31.41 20.45 -6.51
CA THR B 71 -31.47 21.90 -6.37
C THR B 71 -31.87 22.22 -4.94
N VAL B 72 -31.09 23.11 -4.30
CA VAL B 72 -31.36 23.50 -2.92
C VAL B 72 -32.74 24.14 -2.83
N GLU B 73 -33.53 23.68 -1.86
CA GLU B 73 -34.85 24.20 -1.58
C GLU B 73 -34.87 25.20 -0.43
N ASN B 74 -34.07 24.94 0.60
CA ASN B 74 -33.96 25.82 1.76
C ASN B 74 -32.64 25.54 2.44
N SER B 75 -32.10 26.56 3.11
CA SER B 75 -30.78 26.42 3.73
C SER B 75 -30.64 27.44 4.85
N SER B 76 -30.14 26.98 6.00
CA SER B 76 -29.77 27.85 7.11
C SER B 76 -28.27 28.08 7.18
N ASP B 77 -27.52 27.59 6.18
CA ASP B 77 -26.09 27.78 6.08
C ASP B 77 -25.79 28.69 4.90
N GLU B 78 -24.98 29.72 5.13
CA GLU B 78 -24.74 30.74 4.11
C GLU B 78 -24.00 30.23 2.88
N ARG B 79 -23.51 28.99 2.91
CA ARG B 79 -22.82 28.46 1.73
C ARG B 79 -23.76 28.11 0.60
N TYR B 80 -25.04 27.91 0.88
CA TYR B 80 -26.00 27.45 -0.12
C TYR B 80 -27.30 28.21 0.06
N LYS B 81 -27.97 28.44 -1.07
CA LYS B 81 -29.23 29.15 -1.09
C LYS B 81 -30.18 28.45 -2.06
N PRO B 82 -31.51 28.63 -1.88
CA PRO B 82 -32.47 28.12 -2.87
C PRO B 82 -32.05 28.40 -4.30
N GLY B 83 -32.16 27.39 -5.16
CA GLY B 83 -31.75 27.49 -6.54
C GLY B 83 -30.37 26.94 -6.83
N ASP B 84 -29.52 26.82 -5.82
CA ASP B 84 -28.19 26.25 -6.02
C ASP B 84 -28.28 24.78 -6.41
N LYS B 85 -27.49 24.40 -7.41
CA LYS B 85 -27.36 23.01 -7.83
C LYS B 85 -26.23 22.37 -7.05
N VAL B 86 -26.51 21.23 -6.39
CA VAL B 86 -25.57 20.62 -5.47
C VAL B 86 -25.47 19.11 -5.70
N VAL B 87 -24.36 18.54 -5.25
CA VAL B 87 -24.07 17.12 -5.39
C VAL B 87 -23.72 16.59 -4.00
N LEU B 88 -24.31 15.45 -3.64
CA LEU B 88 -23.95 14.71 -2.44
C LEU B 88 -23.38 13.35 -2.82
N THR B 89 -22.20 13.02 -2.32
CA THR B 89 -21.76 11.63 -2.29
C THR B 89 -21.17 11.33 -0.92
N GLY B 90 -21.55 10.18 -0.36
CA GLY B 90 -20.87 9.66 0.80
C GLY B 90 -21.22 10.33 2.12
N TRP B 91 -20.22 10.55 2.97
CA TRP B 91 -20.42 11.13 4.30
C TRP B 91 -21.36 10.31 5.17
N ARG B 92 -21.50 9.01 4.88
CA ARG B 92 -22.38 8.05 5.53
C ARG B 92 -23.84 8.34 5.23
N VAL B 93 -24.12 9.26 4.31
CA VAL B 93 -25.49 9.41 3.85
C VAL B 93 -25.88 8.13 3.13
N GLY B 94 -27.15 7.74 3.29
CA GLY B 94 -27.60 6.46 2.77
C GLY B 94 -27.26 5.28 3.64
N GLU B 95 -26.48 5.49 4.71
CA GLU B 95 -26.10 4.42 5.63
C GLU B 95 -26.58 4.78 7.03
N ALA B 96 -25.97 5.76 7.67
CA ALA B 96 -26.37 6.24 8.98
C ALA B 96 -27.38 7.36 8.92
N HIS B 97 -27.58 7.96 7.75
CA HIS B 97 -28.53 9.04 7.59
C HIS B 97 -29.39 8.76 6.37
N TRP B 98 -30.61 9.26 6.40
CA TRP B 98 -31.50 9.12 5.26
C TRP B 98 -30.88 9.76 4.03
N GLY B 99 -31.09 9.14 2.87
CA GLY B 99 -30.32 9.47 1.69
C GLY B 99 -31.07 9.91 0.45
N GLY B 100 -30.49 9.61 -0.71
CA GLY B 100 -30.90 10.18 -1.97
C GLY B 100 -32.04 9.51 -2.68
N TYR B 101 -32.54 8.38 -2.16
CA TYR B 101 -33.70 7.71 -2.78
C TYR B 101 -34.98 8.38 -2.30
N SER B 102 -35.08 9.67 -2.60
CA SER B 102 -36.19 10.49 -2.12
C SER B 102 -36.25 11.77 -2.94
N GLN B 103 -37.46 12.31 -3.10
CA GLN B 103 -37.57 13.57 -3.81
C GLN B 103 -37.00 14.73 -3.01
N LYS B 104 -36.87 14.58 -1.69
CA LYS B 104 -36.28 15.59 -0.84
C LYS B 104 -35.35 14.92 0.16
N ALA B 105 -34.25 15.59 0.46
CA ALA B 105 -33.28 15.11 1.42
C ALA B 105 -32.74 16.28 2.24
N ASN B 106 -32.54 16.05 3.53
CA ASN B 106 -31.91 17.01 4.42
C ASN B 106 -30.49 16.57 4.73
N VAL B 107 -29.54 17.50 4.67
CA VAL B 107 -28.12 17.19 4.87
C VAL B 107 -27.43 18.34 5.57
N ARG B 108 -26.29 18.03 6.16
CA ARG B 108 -25.36 19.04 6.61
C ARG B 108 -24.75 19.75 5.41
N ALA B 109 -24.56 21.07 5.52
CA ALA B 109 -23.98 21.81 4.40
C ALA B 109 -22.56 21.35 4.13
N ASP B 110 -21.84 20.91 5.18
CA ASP B 110 -20.50 20.36 4.99
C ASP B 110 -20.48 19.17 4.05
N TRP B 111 -21.61 18.49 3.85
CA TRP B 111 -21.62 17.26 3.07
C TRP B 111 -21.75 17.49 1.58
N LEU B 112 -22.14 18.69 1.18
CA LEU B 112 -22.42 18.99 -0.22
C LEU B 112 -21.17 19.49 -0.94
N VAL B 113 -21.25 19.46 -2.27
CA VAL B 113 -20.34 20.24 -3.11
C VAL B 113 -21.21 20.95 -4.13
N PRO B 114 -20.79 22.09 -4.65
CA PRO B 114 -21.49 22.68 -5.80
C PRO B 114 -21.42 21.74 -6.99
N LEU B 115 -22.48 21.75 -7.79
CA LEU B 115 -22.49 21.03 -9.06
C LEU B 115 -21.29 21.49 -9.88
N PRO B 116 -20.38 20.59 -10.23
CA PRO B 116 -19.19 21.01 -10.98
C PRO B 116 -19.56 21.47 -12.39
N GLU B 117 -18.91 22.53 -12.85
CA GLU B 117 -19.13 22.97 -14.21
C GLU B 117 -18.72 21.87 -15.18
N GLY B 118 -19.55 21.66 -16.19
CA GLY B 118 -19.34 20.59 -17.15
C GLY B 118 -20.21 19.38 -16.94
N LEU B 119 -20.96 19.32 -15.83
CA LEU B 119 -21.89 18.24 -15.57
C LEU B 119 -23.24 18.84 -15.21
N ASP B 120 -24.32 18.23 -15.68
CA ASP B 120 -25.59 18.54 -15.08
C ASP B 120 -25.85 17.54 -13.95
N THR B 121 -26.99 17.69 -13.27
CA THR B 121 -27.26 16.83 -12.11
C THR B 121 -27.45 15.38 -12.53
N ARG B 122 -27.93 15.15 -13.75
CA ARG B 122 -28.05 13.79 -14.27
C ARG B 122 -26.67 13.16 -14.44
N GLN B 123 -25.76 13.86 -15.12
CA GLN B 123 -24.41 13.34 -15.36
C GLN B 123 -23.65 13.15 -14.04
N ALA B 124 -23.86 14.05 -13.07
CA ALA B 124 -23.18 13.93 -11.79
C ALA B 124 -23.52 12.60 -11.10
N MET B 125 -24.76 12.13 -11.25
CA MET B 125 -25.17 10.85 -10.67
C MET B 125 -24.82 9.68 -11.58
N ALA B 126 -24.78 9.90 -12.89
CA ALA B 126 -24.18 8.91 -13.78
C ALA B 126 -22.76 8.59 -13.34
N VAL B 127 -22.01 9.61 -12.90
CA VAL B 127 -20.70 9.37 -12.31
C VAL B 127 -20.86 8.67 -10.97
N GLY B 128 -21.54 9.32 -10.02
CA GLY B 128 -21.85 8.73 -8.73
C GLY B 128 -20.61 8.51 -7.88
N THR B 129 -20.82 7.94 -6.67
CA THR B 129 -19.71 7.49 -5.86
C THR B 129 -18.78 6.56 -6.64
N ALA B 130 -19.35 5.69 -7.47
CA ALA B 130 -18.52 4.76 -8.23
C ALA B 130 -17.51 5.52 -9.10
N GLY B 131 -18.00 6.48 -9.89
CA GLY B 131 -17.14 7.20 -10.80
C GLY B 131 -16.21 8.17 -10.09
N PHE B 132 -16.75 8.81 -9.05
CA PHE B 132 -15.94 9.67 -8.20
C PHE B 132 -14.75 8.90 -7.63
N THR B 133 -14.98 7.67 -7.21
CA THR B 133 -13.92 6.87 -6.62
C THR B 133 -12.96 6.36 -7.68
N ALA B 134 -13.45 6.05 -8.89
CA ALA B 134 -12.52 5.71 -9.96
C ALA B 134 -11.55 6.85 -10.23
N MET B 135 -12.05 8.10 -10.20
CA MET B 135 -11.18 9.25 -10.36
C MET B 135 -10.17 9.35 -9.23
N LEU B 136 -10.63 9.20 -7.98
CA LEU B 136 -9.70 9.19 -6.85
C LEU B 136 -8.62 8.14 -7.04
N ALA B 137 -9.00 6.96 -7.57
CA ALA B 137 -8.03 5.88 -7.77
C ALA B 137 -7.00 6.26 -8.82
N VAL B 138 -7.45 6.85 -9.94
CA VAL B 138 -6.52 7.29 -10.96
C VAL B 138 -5.58 8.35 -10.43
N MET B 139 -6.12 9.28 -9.62
CA MET B 139 -5.29 10.33 -9.03
C MET B 139 -4.24 9.72 -8.11
N ALA B 140 -4.62 8.73 -7.30
CA ALA B 140 -3.65 8.04 -6.45
C ALA B 140 -2.54 7.40 -7.28
N LEU B 141 -2.88 6.77 -8.40
CA LEU B 141 -1.86 6.16 -9.25
C LEU B 141 -0.92 7.21 -9.84
N GLU B 142 -1.49 8.33 -10.33
CA GLU B 142 -0.67 9.43 -10.83
C GLU B 142 0.26 9.98 -9.75
N ASP B 143 -0.25 10.13 -8.53
CA ASP B 143 0.57 10.63 -7.43
C ASP B 143 1.77 9.74 -7.16
N HIS B 144 1.70 8.47 -7.57
CA HIS B 144 2.79 7.54 -7.37
C HIS B 144 3.55 7.27 -8.67
N GLY B 145 3.42 8.17 -9.64
CA GLY B 145 4.27 8.16 -10.82
C GLY B 145 3.68 7.57 -12.08
N LEU B 146 2.43 7.11 -12.06
CA LEU B 146 1.82 6.53 -13.26
C LEU B 146 1.78 7.57 -14.39
N THR B 147 2.26 7.17 -15.56
CA THR B 147 2.22 7.98 -16.78
C THR B 147 1.99 7.03 -17.95
N PRO B 148 1.39 7.51 -19.05
CA PRO B 148 1.15 6.64 -20.20
C PRO B 148 2.44 6.14 -20.83
N GLY B 149 2.34 5.00 -21.52
CA GLY B 149 3.42 4.46 -22.31
C GLY B 149 4.31 3.44 -21.62
N HIS B 150 3.88 2.88 -20.50
CA HIS B 150 4.73 2.01 -19.69
C HIS B 150 4.02 0.70 -19.34
N GLY B 151 3.12 0.25 -20.21
CA GLY B 151 2.45 -1.00 -20.02
C GLY B 151 0.98 -0.81 -19.69
N PRO B 152 0.23 -1.91 -19.72
CA PRO B 152 -1.21 -1.82 -19.48
C PRO B 152 -1.55 -1.51 -18.04
N VAL B 153 -2.64 -0.78 -17.87
CA VAL B 153 -3.21 -0.52 -16.54
C VAL B 153 -4.41 -1.43 -16.39
N LEU B 154 -4.42 -2.22 -15.33
CA LEU B 154 -5.46 -3.21 -15.11
C LEU B 154 -6.67 -2.59 -14.42
N VAL B 155 -7.86 -2.83 -14.96
CA VAL B 155 -9.11 -2.42 -14.31
C VAL B 155 -9.93 -3.68 -14.06
N THR B 156 -10.20 -3.97 -12.79
CA THR B 156 -10.93 -5.19 -12.44
C THR B 156 -12.42 -4.89 -12.28
N GLY B 157 -13.24 -5.92 -12.52
CA GLY B 157 -14.69 -5.75 -12.50
C GLY B 157 -15.14 -4.66 -13.45
N ALA B 158 -14.60 -4.71 -14.68
CA ALA B 158 -14.62 -3.55 -15.55
C ALA B 158 -16.01 -3.25 -16.08
N ALA B 159 -16.88 -4.26 -16.19
CA ALA B 159 -18.21 -4.00 -16.72
C ALA B 159 -19.12 -3.30 -15.73
N GLY B 160 -18.72 -3.19 -14.46
CA GLY B 160 -19.52 -2.52 -13.45
C GLY B 160 -19.29 -1.02 -13.45
N GLY B 161 -19.68 -0.38 -12.34
CA GLY B 161 -19.63 1.07 -12.26
C GLY B 161 -18.25 1.67 -12.11
N VAL B 162 -17.58 1.36 -11.00
CA VAL B 162 -16.19 1.78 -10.82
C VAL B 162 -15.37 1.40 -12.05
N GLY B 163 -15.54 0.17 -12.54
CA GLY B 163 -14.73 -0.31 -13.65
C GLY B 163 -14.99 0.43 -14.94
N SER B 164 -16.27 0.69 -15.26
CA SER B 164 -16.60 1.39 -16.49
C SER B 164 -16.00 2.79 -16.51
N VAL B 165 -16.15 3.51 -15.39
CA VAL B 165 -15.67 4.89 -15.37
C VAL B 165 -14.15 4.92 -15.39
N ALA B 166 -13.51 4.02 -14.63
CA ALA B 166 -12.04 3.98 -14.65
C ALA B 166 -11.52 3.66 -16.04
N THR B 167 -12.14 2.70 -16.73
CA THR B 167 -11.75 2.38 -18.10
C THR B 167 -11.84 3.62 -18.98
N ALA B 168 -12.96 4.35 -18.90
CA ALA B 168 -13.13 5.52 -19.76
C ALA B 168 -12.13 6.61 -19.43
N ILE B 169 -11.91 6.88 -18.15
CA ILE B 169 -10.97 7.94 -17.75
C ILE B 169 -9.56 7.56 -18.19
N LEU B 170 -9.12 6.33 -17.88
CA LEU B 170 -7.75 5.94 -18.19
C LEU B 170 -7.50 5.91 -19.69
N ALA B 171 -8.47 5.41 -20.46
CA ALA B 171 -8.32 5.41 -21.90
C ALA B 171 -8.21 6.82 -22.46
N HIS B 172 -9.04 7.75 -21.95
CA HIS B 172 -8.98 9.13 -22.43
C HIS B 172 -7.66 9.78 -22.07
N LEU B 173 -7.11 9.45 -20.90
CA LEU B 173 -5.79 9.96 -20.53
C LEU B 173 -4.65 9.31 -21.31
N GLY B 174 -4.95 8.40 -22.23
CA GLY B 174 -3.91 7.84 -23.08
C GLY B 174 -3.30 6.55 -22.60
N TYR B 175 -3.90 5.88 -21.62
CA TYR B 175 -3.38 4.63 -21.12
C TYR B 175 -3.93 3.45 -21.90
N GLU B 176 -3.13 2.40 -21.96
CA GLU B 176 -3.56 1.10 -22.41
C GLU B 176 -4.28 0.41 -21.25
N VAL B 177 -5.58 0.17 -21.40
CA VAL B 177 -6.40 -0.38 -20.32
C VAL B 177 -6.67 -1.85 -20.60
N ALA B 178 -6.29 -2.72 -19.66
CA ALA B 178 -6.69 -4.12 -19.65
C ALA B 178 -7.88 -4.27 -18.71
N ALA B 179 -9.05 -4.59 -19.28
CA ALA B 179 -10.30 -4.68 -18.53
C ALA B 179 -10.60 -6.13 -18.16
N VAL B 180 -10.71 -6.41 -16.87
CA VAL B 180 -11.05 -7.75 -16.38
C VAL B 180 -12.56 -7.85 -16.19
N THR B 181 -13.18 -8.84 -16.83
CA THR B 181 -14.60 -9.04 -16.68
C THR B 181 -14.95 -10.52 -16.62
N GLY B 182 -15.96 -10.84 -15.80
CA GLY B 182 -16.61 -12.13 -15.76
C GLY B 182 -17.80 -12.25 -16.66
N ARG B 183 -18.11 -11.20 -17.43
CA ARG B 183 -19.22 -11.17 -18.39
C ARG B 183 -18.61 -10.95 -19.76
N PRO B 184 -18.16 -12.01 -20.43
CA PRO B 184 -17.44 -11.83 -21.71
C PRO B 184 -18.25 -11.11 -22.77
N GLU B 185 -19.58 -11.15 -22.69
CA GLU B 185 -20.41 -10.47 -23.66
C GLU B 185 -20.32 -8.94 -23.58
N THR B 186 -19.68 -8.40 -22.54
CA THR B 186 -19.51 -6.95 -22.42
C THR B 186 -18.27 -6.44 -23.15
N ALA B 187 -17.53 -7.30 -23.86
CA ALA B 187 -16.26 -6.89 -24.44
C ALA B 187 -16.44 -5.71 -25.40
N ASP B 188 -17.44 -5.77 -26.28
CA ASP B 188 -17.62 -4.67 -27.22
C ASP B 188 -17.93 -3.38 -26.49
N TYR B 189 -18.75 -3.46 -25.44
CA TYR B 189 -19.03 -2.31 -24.59
C TYR B 189 -17.74 -1.79 -23.96
N LEU B 190 -16.93 -2.69 -23.42
CA LEU B 190 -15.68 -2.27 -22.79
C LEU B 190 -14.73 -1.66 -23.80
N THR B 191 -14.67 -2.22 -25.01
CA THR B 191 -13.83 -1.63 -26.04
C THR B 191 -14.32 -0.25 -26.43
N SER B 192 -15.65 -0.05 -26.46
CA SER B 192 -16.19 1.26 -26.82
C SER B 192 -15.86 2.31 -25.76
N LEU B 193 -15.65 1.89 -24.51
CA LEU B 193 -15.20 2.83 -23.50
C LEU B 193 -13.70 3.12 -23.59
N GLY B 194 -12.96 2.32 -24.35
CA GLY B 194 -11.54 2.59 -24.56
C GLY B 194 -10.61 1.49 -24.10
N ALA B 195 -11.14 0.36 -23.66
CA ALA B 195 -10.29 -0.76 -23.28
C ALA B 195 -9.53 -1.28 -24.48
N THR B 196 -8.26 -1.65 -24.26
CA THR B 196 -7.44 -2.21 -25.33
C THR B 196 -7.20 -3.70 -25.19
N GLN B 197 -7.35 -4.26 -24.00
CA GLN B 197 -7.32 -5.69 -23.77
C GLN B 197 -8.50 -6.08 -22.91
N ILE B 198 -9.07 -7.24 -23.18
CA ILE B 198 -10.13 -7.83 -22.38
C ILE B 198 -9.55 -9.06 -21.70
N VAL B 199 -9.64 -9.11 -20.37
CA VAL B 199 -9.09 -10.21 -19.59
C VAL B 199 -10.25 -10.93 -18.92
N ALA B 200 -10.34 -12.24 -19.13
CA ALA B 200 -11.38 -13.03 -18.51
C ALA B 200 -11.13 -13.16 -17.02
N ARG B 201 -12.21 -13.06 -16.23
CA ARG B 201 -12.09 -13.13 -14.78
C ARG B 201 -11.36 -14.40 -14.33
N ASP B 202 -11.72 -15.56 -14.91
CA ASP B 202 -11.20 -16.80 -14.34
C ASP B 202 -9.74 -17.04 -14.65
N GLU B 203 -9.09 -16.14 -15.38
CA GLU B 203 -7.65 -16.24 -15.60
C GLU B 203 -6.84 -15.60 -14.47
N ILE B 204 -7.48 -14.87 -13.57
CA ILE B 204 -6.76 -14.02 -12.63
C ILE B 204 -7.45 -13.99 -11.26
N ASN B 205 -8.51 -14.77 -11.07
CA ASN B 205 -9.31 -14.61 -9.85
C ASN B 205 -9.04 -15.68 -8.78
N GLU B 206 -7.99 -16.48 -8.94
CA GLU B 206 -7.56 -17.41 -7.92
C GLU B 206 -6.10 -17.15 -7.54
N THR B 207 -5.74 -17.47 -6.31
CA THR B 207 -4.34 -17.35 -5.91
C THR B 207 -3.53 -18.49 -6.49
N VAL B 208 -2.21 -18.31 -6.51
CA VAL B 208 -1.26 -19.33 -6.91
C VAL B 208 -0.20 -19.46 -5.83
N LYS B 209 0.55 -20.58 -5.89
CA LYS B 209 1.58 -20.81 -4.89
C LYS B 209 2.74 -19.84 -5.02
N ARG B 210 3.12 -19.51 -6.23
CA ARG B 210 4.26 -18.62 -6.43
C ARG B 210 3.93 -17.22 -5.95
N PRO B 211 4.77 -16.62 -5.10
CA PRO B 211 4.48 -15.26 -4.60
C PRO B 211 4.71 -14.19 -5.65
N LEU B 212 5.51 -14.46 -6.67
CA LEU B 212 5.74 -13.53 -7.78
C LEU B 212 5.49 -14.25 -9.09
N GLU B 213 4.73 -13.61 -9.97
CA GLU B 213 4.63 -14.01 -11.36
C GLU B 213 5.35 -12.97 -12.22
N SER B 214 5.21 -13.06 -13.53
CA SER B 214 5.89 -12.09 -14.38
C SER B 214 5.30 -10.69 -14.18
N GLU B 215 6.16 -9.68 -14.34
CA GLU B 215 5.72 -8.29 -14.23
C GLU B 215 4.92 -7.90 -15.46
N ILE B 216 3.66 -7.52 -15.26
CA ILE B 216 2.76 -7.18 -16.35
C ILE B 216 2.21 -5.77 -16.22
N TRP B 217 1.63 -5.43 -15.07
CA TRP B 217 0.75 -4.28 -14.96
C TRP B 217 1.50 -3.04 -14.48
N ALA B 218 1.30 -1.92 -15.20
CA ALA B 218 1.85 -0.63 -14.81
C ALA B 218 1.11 0.01 -13.64
N GLY B 219 -0.09 -0.48 -13.35
CA GLY B 219 -0.91 0.03 -12.27
C GLY B 219 -2.22 -0.72 -12.34
N CYS B 220 -3.08 -0.49 -11.33
CA CYS B 220 -4.34 -1.19 -11.28
C CYS B 220 -5.36 -0.37 -10.51
N VAL B 221 -6.60 -0.31 -11.02
CA VAL B 221 -7.76 0.14 -10.24
C VAL B 221 -8.58 -1.10 -9.94
N ASP B 222 -8.68 -1.46 -8.66
CA ASP B 222 -9.26 -2.75 -8.25
C ASP B 222 -10.61 -2.53 -7.59
N ALA B 223 -11.67 -2.95 -8.27
CA ALA B 223 -13.03 -2.95 -7.71
C ALA B 223 -13.42 -4.29 -7.10
N VAL B 224 -12.56 -5.30 -7.18
CA VAL B 224 -12.91 -6.67 -6.85
C VAL B 224 -12.32 -7.13 -5.53
N GLY B 225 -11.06 -6.81 -5.26
CA GLY B 225 -10.44 -7.27 -4.03
C GLY B 225 -10.28 -8.78 -4.00
N GLY B 226 -10.30 -9.33 -2.79
CA GLY B 226 -10.28 -10.78 -2.60
C GLY B 226 -9.05 -11.47 -3.18
N ALA B 227 -9.27 -12.70 -3.65
CA ALA B 227 -8.16 -13.49 -4.18
C ALA B 227 -7.64 -12.90 -5.49
N MET B 228 -8.50 -12.21 -6.25
CA MET B 228 -8.03 -11.56 -7.46
C MET B 228 -7.00 -10.49 -7.14
N LEU B 229 -7.27 -9.65 -6.13
CA LEU B 229 -6.29 -8.65 -5.72
C LEU B 229 -4.99 -9.31 -5.28
N ALA B 230 -5.09 -10.38 -4.49
CA ALA B 230 -3.88 -11.07 -4.05
C ALA B 230 -3.07 -11.54 -5.24
N ARG B 231 -3.74 -12.10 -6.26
CA ARG B 231 -3.05 -12.58 -7.45
C ARG B 231 -2.42 -11.43 -8.23
N VAL B 232 -3.15 -10.33 -8.37
CA VAL B 232 -2.69 -9.19 -9.16
C VAL B 232 -1.43 -8.59 -8.55
N LEU B 233 -1.32 -8.60 -7.21
CA LEU B 233 -0.15 -8.03 -6.54
C LEU B 233 1.13 -8.66 -7.06
N GLY B 234 1.13 -9.98 -7.25
CA GLY B 234 2.29 -10.67 -7.78
C GLY B 234 2.56 -10.46 -9.25
N GLN B 235 1.67 -9.75 -9.95
CA GLN B 235 1.84 -9.46 -11.36
C GLN B 235 2.14 -7.99 -11.64
N MET B 236 2.26 -7.16 -10.59
CA MET B 236 2.57 -5.75 -10.79
C MET B 236 4.03 -5.54 -11.19
N LYS B 237 4.24 -4.56 -12.06
CA LYS B 237 5.60 -4.16 -12.41
C LYS B 237 6.30 -3.53 -11.21
N TYR B 238 7.64 -3.56 -11.25
CA TYR B 238 8.43 -2.92 -10.22
C TYR B 238 7.99 -1.47 -10.00
N GLY B 239 7.79 -1.11 -8.73
CA GLY B 239 7.38 0.22 -8.36
C GLY B 239 5.94 0.58 -8.67
N ALA B 240 5.16 -0.35 -9.22
CA ALA B 240 3.78 -0.04 -9.58
C ALA B 240 2.84 -0.15 -8.37
N SER B 241 1.66 0.48 -8.48
CA SER B 241 0.72 0.58 -7.38
C SER B 241 -0.65 0.04 -7.79
N VAL B 242 -1.36 -0.52 -6.82
CA VAL B 242 -2.76 -0.90 -6.96
C VAL B 242 -3.59 0.06 -6.12
N ALA B 243 -4.56 0.69 -6.74
CA ALA B 243 -5.54 1.49 -6.01
C ALA B 243 -6.67 0.56 -5.57
N ALA B 244 -6.75 0.27 -4.27
CA ALA B 244 -7.76 -0.64 -3.74
C ALA B 244 -9.06 0.13 -3.53
N VAL B 245 -10.11 -0.26 -4.26
CA VAL B 245 -11.40 0.42 -4.22
C VAL B 245 -12.50 -0.50 -3.70
N GLY B 246 -12.51 -1.78 -4.08
CA GLY B 246 -13.69 -2.61 -3.93
C GLY B 246 -13.42 -3.96 -3.29
N LEU B 247 -14.53 -4.67 -3.06
CA LEU B 247 -14.52 -5.98 -2.44
C LEU B 247 -15.56 -6.90 -3.07
N ALA B 248 -15.92 -6.63 -4.33
CA ALA B 248 -16.99 -7.41 -4.96
C ALA B 248 -16.65 -8.89 -5.04
N GLY B 249 -15.37 -9.24 -5.14
CA GLY B 249 -14.95 -10.62 -5.09
C GLY B 249 -14.53 -11.11 -3.72
N GLY B 250 -14.83 -10.37 -2.66
CA GLY B 250 -14.52 -10.80 -1.31
C GLY B 250 -13.66 -9.81 -0.54
N ALA B 251 -13.88 -9.70 0.77
CA ALA B 251 -13.12 -8.78 1.59
C ALA B 251 -11.77 -9.33 2.05
N GLY B 252 -11.62 -10.65 2.09
CA GLY B 252 -10.35 -11.23 2.52
C GLY B 252 -9.27 -10.99 1.48
N LEU B 253 -8.04 -10.80 1.95
CA LEU B 253 -6.90 -10.51 1.09
C LEU B 253 -5.82 -11.57 1.34
N PRO B 254 -5.87 -12.67 0.62
CA PRO B 254 -4.93 -13.78 0.91
C PRO B 254 -3.61 -13.58 0.18
N ALA B 255 -2.87 -12.56 0.61
CA ALA B 255 -1.70 -12.10 -0.12
C ALA B 255 -0.42 -12.63 0.52
N THR B 256 0.70 -12.21 -0.04
CA THR B 256 2.01 -12.34 0.57
C THR B 256 2.66 -10.97 0.55
N VAL B 257 3.69 -10.80 1.40
CA VAL B 257 4.39 -9.52 1.41
C VAL B 257 5.45 -9.43 0.31
N ILE B 258 5.71 -10.54 -0.39
CA ILE B 258 6.83 -10.59 -1.33
C ILE B 258 6.76 -9.52 -2.41
N PRO B 259 5.62 -9.26 -3.08
CA PRO B 259 5.62 -8.20 -4.09
C PRO B 259 6.02 -6.84 -3.54
N PHE B 260 5.62 -6.55 -2.30
CA PHE B 260 5.98 -5.28 -1.69
C PHE B 260 7.48 -5.19 -1.45
N LEU B 261 8.07 -6.25 -0.89
CA LEU B 261 9.46 -6.19 -0.48
C LEU B 261 10.41 -6.29 -1.67
N LEU B 262 10.05 -7.11 -2.64
CA LEU B 262 10.98 -7.41 -3.72
C LEU B 262 10.81 -6.51 -4.93
N ARG B 263 9.62 -5.96 -5.12
CA ARG B 263 9.33 -5.11 -6.28
C ARG B 263 8.84 -3.72 -5.90
N GLY B 264 8.88 -3.35 -4.62
CA GLY B 264 8.42 -2.04 -4.23
C GLY B 264 7.00 -1.73 -4.66
N VAL B 265 6.14 -2.75 -4.72
CA VAL B 265 4.73 -2.53 -5.06
C VAL B 265 4.04 -1.80 -3.92
N ASN B 266 3.05 -0.97 -4.26
CA ASN B 266 2.21 -0.30 -3.27
C ASN B 266 0.76 -0.76 -3.40
N LEU B 267 0.09 -0.89 -2.25
CA LEU B 267 -1.35 -1.07 -2.20
C LEU B 267 -1.94 0.17 -1.55
N LEU B 268 -2.70 0.95 -2.33
CA LEU B 268 -3.16 2.27 -1.93
C LEU B 268 -4.67 2.22 -1.65
N GLY B 269 -5.05 2.47 -0.39
CA GLY B 269 -6.45 2.39 -0.02
C GLY B 269 -7.18 3.65 -0.44
N ILE B 270 -8.29 3.47 -1.15
CA ILE B 270 -9.10 4.59 -1.63
C ILE B 270 -10.38 4.59 -0.83
N ASP B 271 -10.59 5.64 -0.03
CA ASP B 271 -11.85 5.88 0.66
C ASP B 271 -12.53 7.09 0.05
N SER B 272 -13.73 6.88 -0.50
CA SER B 272 -14.51 7.99 -1.02
C SER B 272 -15.36 8.67 0.04
N VAL B 273 -15.68 7.96 1.12
CA VAL B 273 -16.79 8.38 1.97
C VAL B 273 -16.45 9.67 2.71
N MET B 274 -15.23 9.77 3.24
CA MET B 274 -14.86 10.88 4.11
C MET B 274 -13.84 11.82 3.45
N GLN B 275 -13.83 11.89 2.12
CA GLN B 275 -12.91 12.80 1.43
C GLN B 275 -13.18 14.25 1.87
N PRO B 276 -12.13 15.04 2.10
CA PRO B 276 -12.34 16.45 2.45
C PRO B 276 -12.92 17.24 1.30
N TYR B 277 -13.65 18.30 1.65
CA TYR B 277 -14.28 19.16 0.64
C TYR B 277 -13.32 19.54 -0.46
N ALA B 278 -12.10 19.95 -0.10
CA ALA B 278 -11.17 20.46 -1.11
C ALA B 278 -10.80 19.37 -2.12
N ASN B 279 -10.56 18.15 -1.66
CA ASN B 279 -10.22 17.11 -2.62
C ASN B 279 -11.43 16.64 -3.41
N ARG B 280 -12.64 16.69 -2.82
CA ARG B 280 -13.84 16.43 -3.60
C ARG B 280 -13.92 17.38 -4.79
N LEU B 281 -13.78 18.68 -4.53
CA LEU B 281 -13.75 19.65 -5.62
C LEU B 281 -12.68 19.31 -6.65
N ARG B 282 -11.48 18.93 -6.19
CA ARG B 282 -10.40 18.59 -7.10
C ARG B 282 -10.77 17.41 -8.00
N ALA B 283 -11.33 16.35 -7.41
CA ALA B 283 -11.65 15.15 -8.18
C ALA B 283 -12.81 15.41 -9.14
N TRP B 284 -13.81 16.16 -8.71
CA TRP B 284 -14.92 16.45 -9.61
C TRP B 284 -14.47 17.28 -10.79
N GLU B 285 -13.53 18.21 -10.57
CA GLU B 285 -13.01 19.00 -11.67
C GLU B 285 -12.21 18.13 -12.64
N ARG B 286 -11.46 17.16 -12.11
CA ARG B 286 -10.78 16.19 -12.98
C ARG B 286 -11.79 15.39 -13.79
N ILE B 287 -12.91 15.03 -13.17
CA ILE B 287 -13.93 14.25 -13.85
C ILE B 287 -14.52 15.03 -15.01
N ALA B 288 -14.92 16.28 -14.76
CA ALA B 288 -15.48 17.11 -15.82
C ALA B 288 -14.51 17.26 -16.98
N ARG B 289 -13.21 17.23 -16.71
CA ARG B 289 -12.29 17.42 -17.83
C ARG B 289 -11.89 16.11 -18.49
N ASP B 290 -11.75 15.01 -17.73
CA ASP B 290 -11.13 13.80 -18.24
C ASP B 290 -12.10 12.65 -18.49
N LEU B 291 -13.36 12.75 -18.10
CA LEU B 291 -14.33 11.70 -18.42
C LEU B 291 -15.16 12.17 -19.61
N PRO B 292 -14.96 11.63 -20.81
CA PRO B 292 -15.77 12.06 -21.95
C PRO B 292 -17.24 11.78 -21.71
N MET B 293 -18.08 12.81 -21.91
CA MET B 293 -19.49 12.67 -21.57
C MET B 293 -20.20 11.70 -22.51
N ASP B 294 -19.74 11.57 -23.76
CA ASP B 294 -20.33 10.56 -24.63
C ASP B 294 -20.01 9.15 -24.14
N LYS B 295 -18.84 8.96 -23.53
CA LYS B 295 -18.54 7.66 -22.91
C LYS B 295 -19.38 7.45 -21.66
N LEU B 296 -19.51 8.48 -20.82
CA LEU B 296 -20.39 8.38 -19.65
C LEU B 296 -21.81 8.01 -20.08
N GLU B 297 -22.30 8.65 -21.14
CA GLU B 297 -23.67 8.38 -21.61
C GLU B 297 -23.86 6.92 -21.95
N ALA B 298 -22.83 6.29 -22.55
CA ALA B 298 -22.93 4.89 -22.94
C ALA B 298 -23.03 3.96 -21.74
N MET B 299 -22.71 4.43 -20.54
CA MET B 299 -22.80 3.60 -19.35
C MET B 299 -24.16 3.65 -18.69
N ILE B 300 -25.00 4.63 -19.04
CA ILE B 300 -26.16 4.96 -18.22
C ILE B 300 -27.26 3.94 -18.45
N ARG B 301 -27.82 3.44 -17.34
CA ARG B 301 -29.05 2.64 -17.33
C ARG B 301 -30.11 3.41 -16.55
N PRO B 302 -31.18 3.88 -17.18
CA PRO B 302 -32.19 4.65 -16.46
C PRO B 302 -33.00 3.79 -15.51
N ALA B 303 -33.44 4.40 -14.41
CA ALA B 303 -34.27 3.71 -13.44
C ALA B 303 -35.14 4.71 -12.67
N THR B 304 -36.14 4.18 -11.99
CA THR B 304 -37.02 4.93 -11.10
C THR B 304 -36.87 4.39 -9.69
N LEU B 305 -37.51 5.07 -8.74
CA LEU B 305 -37.45 4.59 -7.36
C LEU B 305 -38.00 3.17 -7.25
N SER B 306 -39.03 2.84 -8.03
CA SER B 306 -39.64 1.53 -7.92
C SER B 306 -38.72 0.42 -8.41
N ASP B 307 -37.72 0.74 -9.24
CA ASP B 307 -36.77 -0.24 -9.73
C ASP B 307 -35.70 -0.59 -8.72
N LEU B 308 -35.59 0.15 -7.61
CA LEU B 308 -34.43 0.03 -6.74
C LEU B 308 -34.33 -1.33 -6.03
N PRO B 309 -35.41 -1.91 -5.49
CA PRO B 309 -35.25 -3.22 -4.84
C PRO B 309 -34.61 -4.25 -5.76
N GLY B 310 -35.06 -4.33 -7.00
CA GLY B 310 -34.49 -5.28 -7.93
C GLY B 310 -33.08 -4.94 -8.34
N LEU B 311 -32.81 -3.66 -8.62
CA LEU B 311 -31.46 -3.26 -8.99
C LEU B 311 -30.48 -3.44 -7.84
N GLY B 312 -30.95 -3.21 -6.61
CA GLY B 312 -30.09 -3.47 -5.46
C GLY B 312 -29.66 -4.93 -5.38
N ALA B 313 -30.60 -5.85 -5.60
CA ALA B 313 -30.26 -7.26 -5.61
C ALA B 313 -29.35 -7.60 -6.79
N ASP B 314 -29.63 -7.00 -7.96
CA ASP B 314 -28.83 -7.28 -9.15
C ASP B 314 -27.38 -6.86 -8.97
N ILE B 315 -27.14 -5.69 -8.37
CA ILE B 315 -25.76 -5.21 -8.34
C ILE B 315 -24.92 -6.06 -7.40
N LEU B 316 -25.51 -6.60 -6.33
CA LEU B 316 -24.75 -7.45 -5.42
C LEU B 316 -24.35 -8.75 -6.09
N LYS B 317 -25.12 -9.20 -7.08
CA LYS B 317 -24.78 -10.38 -7.86
C LYS B 317 -23.91 -10.06 -9.06
N GLY B 318 -23.49 -8.81 -9.22
CA GLY B 318 -22.63 -8.45 -10.34
C GLY B 318 -23.33 -8.42 -11.67
N GLN B 319 -24.64 -8.13 -11.67
CA GLN B 319 -25.45 -8.18 -12.89
C GLN B 319 -25.89 -6.80 -13.37
N VAL B 320 -25.29 -5.72 -12.86
CA VAL B 320 -25.54 -4.38 -13.36
C VAL B 320 -24.32 -3.94 -14.17
N GLN B 321 -24.56 -3.57 -15.43
CA GLN B 321 -23.52 -3.07 -16.31
C GLN B 321 -23.57 -1.54 -16.29
N GLY B 322 -22.42 -0.91 -16.14
CA GLY B 322 -22.35 0.54 -16.26
C GLY B 322 -22.87 1.24 -15.01
N ARG B 323 -23.67 2.30 -15.20
CA ARG B 323 -24.00 3.21 -14.11
C ARG B 323 -25.49 3.53 -14.17
N VAL B 324 -26.23 3.10 -13.15
CA VAL B 324 -27.65 3.40 -13.08
C VAL B 324 -27.86 4.88 -12.77
N VAL B 325 -28.82 5.51 -13.43
CA VAL B 325 -29.25 6.86 -13.10
C VAL B 325 -30.70 6.80 -12.65
N VAL B 326 -30.96 7.12 -11.39
CA VAL B 326 -32.31 7.09 -10.84
C VAL B 326 -32.91 8.48 -10.97
N ASP B 327 -34.01 8.59 -11.73
CA ASP B 327 -34.78 9.83 -11.79
C ASP B 327 -35.83 9.71 -10.69
N VAL B 328 -35.60 10.38 -9.56
CA VAL B 328 -36.48 10.24 -8.41
C VAL B 328 -37.78 10.99 -8.61
N ASN B 329 -37.91 11.75 -9.69
CA ASN B 329 -39.12 12.50 -9.98
C ASN B 329 -39.84 12.00 -11.22
N ALA B 330 -39.46 10.82 -11.73
CA ALA B 330 -39.98 10.33 -13.01
C ALA B 330 -41.50 10.30 -13.01
N HIS B 331 -42.07 10.79 -14.12
CA HIS B 331 -43.49 10.77 -14.48
C HIS B 331 -44.23 11.97 -13.88
PA NAP C . 16.75 -8.95 12.43
O1A NAP C . 17.82 -8.20 13.08
O2A NAP C . 16.67 -10.44 12.80
O5B NAP C . 15.43 -8.22 12.83
C5B NAP C . 14.17 -8.93 12.82
C4B NAP C . 13.42 -8.91 14.13
O4B NAP C . 12.13 -9.36 13.90
C3B NAP C . 13.94 -9.89 15.10
O3B NAP C . 15.15 -9.49 15.75
C2B NAP C . 12.84 -10.01 15.98
O2B NAP C . 12.76 -8.86 16.82
C1B NAP C . 11.70 -10.02 15.05
N9A NAP C . 11.29 -11.38 14.72
C8A NAP C . 12.04 -12.41 14.31
N7A NAP C . 11.24 -13.48 14.12
C5A NAP C . 9.98 -13.11 14.41
C6A NAP C . 8.73 -13.76 14.40
N6A NAP C . 8.65 -15.15 14.02
N1A NAP C . 7.63 -13.09 14.75
C2A NAP C . 7.70 -11.81 15.11
N3A NAP C . 8.87 -11.14 15.14
C4A NAP C . 10.02 -11.77 14.79
O3 NAP C . 16.84 -8.86 10.88
PN NAP C . 17.08 -7.46 10.04
O1N NAP C . 18.43 -7.54 9.36
O2N NAP C . 16.83 -6.27 10.91
O5D NAP C . 16.02 -7.57 8.88
C5D NAP C . 14.64 -7.60 9.25
C4D NAP C . 13.70 -8.03 8.21
O4D NAP C . 13.71 -7.00 7.20
C3D NAP C . 14.16 -9.27 7.57
O3D NAP C . 13.07 -10.01 7.19
C2D NAP C . 14.91 -8.82 6.39
O2D NAP C . 14.91 -9.76 5.40
C1D NAP C . 14.10 -7.63 6.01
N1N NAP C . 14.75 -6.66 5.11
C2N NAP C . 14.43 -6.28 3.78
C3N NAP C . 15.12 -5.14 3.12
C7N NAP C . 14.48 -4.62 1.88
O7N NAP C . 15.12 -4.11 1.03
N7N NAP C . 13.06 -4.79 1.76
C4N NAP C . 16.31 -4.48 3.73
C5N NAP C . 16.68 -5.03 5.08
C6N NAP C . 15.85 -6.04 5.78
P2B NAP C . 12.27 -8.93 18.34
O1X NAP C . 12.35 -7.51 18.87
O2X NAP C . 10.85 -9.43 18.36
O3X NAP C . 13.20 -9.83 19.10
PA NAP D . -20.47 -3.04 -9.49
O1A NAP D . -21.04 -2.18 -10.53
O2A NAP D . -21.23 -4.33 -9.16
O5B NAP D . -19.04 -3.36 -9.93
C5B NAP D . -18.43 -4.60 -9.51
C4B NAP D . -17.94 -5.52 -10.61
O4B NAP D . -17.07 -6.45 -10.06
C3B NAP D . -19.04 -6.34 -11.16
O3B NAP D . -19.84 -5.64 -12.09
C2B NAP D . -18.33 -7.41 -11.74
O2B NAP D . -17.81 -6.95 -12.96
C1B NAP D . -17.24 -7.65 -10.77
N9A NAP D . -17.59 -8.71 -9.83
C8A NAP D . -18.72 -8.87 -9.13
N7A NAP D . -18.62 -9.98 -8.39
C5A NAP D . -17.40 -10.53 -8.62
C6A NAP D . -16.70 -11.66 -8.16
N6A NAP D . -17.29 -12.57 -7.21
N1A NAP D . -15.47 -11.92 -8.61
C2A NAP D . -14.89 -11.10 -9.50
N3A NAP D . -15.51 -10.01 -9.97
C4A NAP D . -16.75 -9.71 -9.55
O3 NAP D . -20.36 -2.21 -8.16
PN NAP D . -19.61 -0.76 -8.05
O1N NAP D . -20.68 0.24 -7.58
O2N NAP D . -18.89 -0.39 -9.32
O5D NAP D . -18.66 -0.92 -6.82
C5D NAP D . -17.54 -1.81 -6.96
C4D NAP D . -16.83 -2.17 -5.74
O4D NAP D . -16.16 -0.97 -5.29
C3D NAP D . -17.79 -2.55 -4.67
O3D NAP D . -17.24 -3.55 -3.89
C2D NAP D . -17.98 -1.34 -3.88
O2D NAP D . -18.33 -1.58 -2.58
C1D NAP D . -16.63 -0.73 -4.00
N1N NAP D . -16.55 0.72 -3.70
C2N NAP D . -15.84 1.40 -2.67
C3N NAP D . -15.67 2.85 -2.75
C7N NAP D . -14.74 3.45 -1.74
O7N NAP D . -14.89 4.54 -1.34
N7N NAP D . -13.66 2.60 -1.27
C4N NAP D . -16.48 3.70 -3.67
C5N NAP D . -17.31 2.94 -4.64
C6N NAP D . -17.28 1.44 -4.68
P2B NAP D . -17.61 -7.93 -14.21
O1X NAP D . -17.05 -7.04 -15.30
O2X NAP D . -16.64 -9.01 -13.80
O3X NAP D . -18.97 -8.47 -14.57
#